data_5DY0
#
_entry.id   5DY0
#
_cell.length_a   101.731
_cell.length_b   137.423
_cell.length_c   239.874
_cell.angle_alpha   90.00
_cell.angle_beta   90.00
_cell.angle_gamma   90.00
#
_symmetry.space_group_name_H-M   'P 2 2 21'
#
loop_
_entity.id
_entity.type
_entity.pdbx_description
1 polymer 'TetR family transcriptional regulator'
2 polymer DNA
#
loop_
_entity_poly.entity_id
_entity_poly.type
_entity_poly.pdbx_seq_one_letter_code
_entity_poly.pdbx_strand_id
1 'polypeptide(L)'
;MAGAVGRPRRSAPRRAGKNPREEILDASAELFTHQGFATTSTHQIADAVGIRQASLYYHFPSKTEIFLTLLKSTVEPSTV
LAEDLSILDAGPEMRLWAIVASEVRLLLSTKWNVGRLYQLPIVGSEEFAEYHSQREALTNIFRDLATEIVGDDPRAELPF
HITMSVIEMRRNDGKIPSPLSADSLPETAIMLADASLAVLGASLPADRVEKTLELIKQADAKLEHHHHHH
;
A,B,C,D
2 'polydeoxyribonucleotide'
;(DA)(DT)(DT)(DA)(DT)(DC)(DT)(DA)(DT)(DA)(DG)(DA)(DT)(DC)(DT)(DA)(DT)(DA)(DG)(DA)
(DT)(DA)(DA)(DT)(DG)(DC)
;
E,F,G,H
#
loop_
_chem_comp.id
_chem_comp.type
_chem_comp.name
_chem_comp.formula
DA DNA linking 2'-DEOXYADENOSINE-5'-MONOPHOSPHATE 'C10 H14 N5 O6 P'
DC DNA linking 2'-DEOXYCYTIDINE-5'-MONOPHOSPHATE 'C9 H14 N3 O7 P'
DG DNA linking 2'-DEOXYGUANOSINE-5'-MONOPHOSPHATE 'C10 H14 N5 O7 P'
DT DNA linking THYMIDINE-5'-MONOPHOSPHATE 'C10 H15 N2 O8 P'
#
# COMPACT_ATOMS: atom_id res chain seq x y z
N GLY A 3 -41.64 28.43 -44.94
CA GLY A 3 -41.41 26.96 -45.06
C GLY A 3 -39.96 26.60 -45.35
N ALA A 4 -39.70 25.31 -45.56
CA ALA A 4 -38.35 24.77 -45.72
C ALA A 4 -38.11 24.23 -47.12
N VAL A 5 -36.94 24.57 -47.67
CA VAL A 5 -36.60 24.18 -49.05
C VAL A 5 -36.51 22.67 -49.16
N GLY A 6 -37.02 22.13 -50.25
CA GLY A 6 -36.83 20.72 -50.56
C GLY A 6 -38.10 19.93 -50.40
N ARG A 7 -38.24 18.92 -51.22
CA ARG A 7 -39.38 18.03 -51.20
C ARG A 7 -39.64 17.64 -49.78
N PRO A 8 -40.88 17.80 -49.32
CA PRO A 8 -41.22 17.52 -47.94
C PRO A 8 -41.14 16.04 -47.67
N ARG A 9 -40.69 15.73 -46.45
CA ARG A 9 -40.47 14.36 -46.00
C ARG A 9 -41.78 13.61 -45.81
N ARG A 10 -41.70 12.30 -45.88
CA ARG A 10 -42.87 11.46 -45.73
C ARG A 10 -43.34 11.46 -44.29
N SER A 11 -42.42 11.46 -43.32
CA SER A 11 -42.79 11.40 -41.89
C SER A 11 -42.16 12.55 -41.17
N ALA A 12 -42.85 13.08 -40.18
CA ALA A 12 -42.36 14.26 -39.49
C ALA A 12 -41.13 13.94 -38.67
N PRO A 13 -40.19 14.87 -38.60
CA PRO A 13 -38.99 14.65 -37.82
C PRO A 13 -39.27 14.16 -36.39
N ARG A 14 -38.42 13.25 -35.95
CA ARG A 14 -38.55 12.61 -34.67
C ARG A 14 -37.38 12.93 -33.77
N ARG A 15 -36.29 13.46 -34.31
CA ARG A 15 -35.11 13.69 -33.49
C ARG A 15 -34.82 15.13 -33.17
N ALA A 16 -34.16 15.36 -32.05
CA ALA A 16 -33.76 16.70 -31.69
C ALA A 16 -32.64 17.13 -32.57
N GLY A 17 -32.75 18.33 -33.12
CA GLY A 17 -31.67 18.86 -33.92
C GLY A 17 -32.11 20.08 -34.67
N LYS A 18 -31.18 21.02 -34.81
CA LYS A 18 -31.41 22.27 -35.51
C LYS A 18 -31.35 22.05 -37.03
N ASN A 19 -30.81 20.90 -37.48
CA ASN A 19 -30.73 20.55 -38.90
C ASN A 19 -30.42 19.09 -39.09
N PRO A 20 -30.66 18.54 -40.28
CA PRO A 20 -30.59 17.07 -40.45
C PRO A 20 -29.31 16.40 -39.96
N ARG A 21 -28.21 17.10 -39.98
CA ARG A 21 -26.98 16.54 -39.52
C ARG A 21 -27.15 16.20 -38.04
N GLU A 22 -27.62 17.14 -37.23
CA GLU A 22 -27.74 16.87 -35.80
C GLU A 22 -28.76 15.77 -35.55
N GLU A 23 -29.83 15.73 -36.34
CA GLU A 23 -30.86 14.72 -36.19
C GLU A 23 -30.27 13.33 -36.43
N ILE A 24 -29.50 13.20 -37.48
CA ILE A 24 -28.93 11.92 -37.86
C ILE A 24 -27.89 11.48 -36.83
N LEU A 25 -26.97 12.36 -36.49
CA LEU A 25 -26.06 12.07 -35.40
C LEU A 25 -26.78 11.76 -34.09
N ASP A 26 -27.96 12.35 -33.87
CA ASP A 26 -28.66 12.04 -32.63
C ASP A 26 -29.16 10.62 -32.63
N ALA A 27 -29.78 10.23 -33.73
CA ALA A 27 -30.28 8.88 -33.87
C ALA A 27 -29.15 7.90 -33.84
N SER A 28 -28.07 8.25 -34.52
CA SER A 28 -26.92 7.36 -34.60
C SER A 28 -26.27 7.12 -33.24
N ALA A 29 -26.21 8.14 -32.39
CA ALA A 29 -25.55 8.01 -31.11
C ALA A 29 -26.32 7.08 -30.21
N GLU A 30 -27.63 7.11 -30.32
CA GLU A 30 -28.44 6.24 -29.50
C GLU A 30 -28.20 4.82 -30.01
N LEU A 31 -28.37 4.58 -31.30
CA LEU A 31 -28.25 3.20 -31.77
C LEU A 31 -26.83 2.68 -31.58
N PHE A 32 -25.82 3.39 -32.06
CA PHE A 32 -24.45 2.91 -31.89
C PHE A 32 -24.04 2.66 -30.45
N THR A 33 -24.54 3.42 -29.49
CA THR A 33 -24.14 3.15 -28.11
C THR A 33 -24.91 1.97 -27.56
N HIS A 34 -26.14 1.76 -28.01
CA HIS A 34 -26.92 0.57 -27.62
C HIS A 34 -26.51 -0.73 -28.33
N GLN A 35 -26.24 -0.70 -29.62
CA GLN A 35 -26.00 -1.94 -30.40
C GLN A 35 -24.66 -1.99 -31.09
N GLY A 36 -23.83 -0.98 -30.92
CA GLY A 36 -22.58 -0.91 -31.67
C GLY A 36 -22.80 -0.68 -33.16
N PHE A 37 -21.68 -0.57 -33.88
CA PHE A 37 -21.66 -0.10 -35.25
C PHE A 37 -22.24 -1.07 -36.25
N ALA A 38 -21.71 -2.28 -36.24
CA ALA A 38 -21.94 -3.21 -37.35
C ALA A 38 -23.36 -3.69 -37.37
N THR A 39 -23.89 -3.87 -36.19
CA THR A 39 -25.25 -4.36 -36.00
C THR A 39 -26.28 -3.31 -36.44
N THR A 40 -25.97 -2.03 -36.27
CA THR A 40 -26.85 -0.93 -36.67
C THR A 40 -26.84 -0.70 -38.17
N SER A 41 -28.01 -0.72 -38.78
CA SER A 41 -28.14 -0.53 -40.21
C SER A 41 -28.68 0.84 -40.54
N THR A 42 -28.27 1.35 -41.70
CA THR A 42 -28.74 2.63 -42.19
C THR A 42 -30.27 2.71 -42.27
N HIS A 43 -30.97 1.62 -42.53
CA HIS A 43 -32.42 1.68 -42.41
C HIS A 43 -32.88 2.05 -41.00
N GLN A 44 -32.34 1.41 -39.99
CA GLN A 44 -32.76 1.72 -38.62
C GLN A 44 -32.47 3.17 -38.31
N ILE A 45 -31.32 3.66 -38.78
CA ILE A 45 -30.96 5.05 -38.58
C ILE A 45 -31.95 5.95 -39.26
N ALA A 46 -32.20 5.64 -40.52
CA ALA A 46 -33.18 6.38 -41.27
C ALA A 46 -34.53 6.35 -40.56
N ASP A 47 -35.00 5.16 -40.22
CA ASP A 47 -36.27 4.97 -39.51
C ASP A 47 -36.31 5.80 -38.23
N ALA A 48 -35.21 5.78 -37.51
CA ALA A 48 -35.10 6.53 -36.27
C ALA A 48 -35.28 8.00 -36.50
N VAL A 49 -34.67 8.49 -37.58
CA VAL A 49 -34.71 9.89 -37.91
C VAL A 49 -36.03 10.33 -38.49
N GLY A 50 -36.69 9.41 -39.16
CA GLY A 50 -37.93 9.69 -39.82
C GLY A 50 -37.72 10.09 -41.26
N ILE A 51 -36.85 9.36 -41.97
CA ILE A 51 -36.59 9.59 -43.40
C ILE A 51 -36.23 8.32 -44.10
N ARG A 52 -36.30 8.33 -45.41
CA ARG A 52 -35.96 7.16 -46.14
C ARG A 52 -34.51 6.96 -46.03
N GLN A 53 -34.12 5.70 -46.17
CA GLN A 53 -32.74 5.31 -46.03
C GLN A 53 -31.81 6.08 -46.94
N ALA A 54 -32.17 6.21 -48.22
CA ALA A 54 -31.28 6.92 -49.16
C ALA A 54 -31.07 8.37 -48.76
N SER A 55 -32.08 8.97 -48.16
CA SER A 55 -32.00 10.38 -47.86
C SER A 55 -30.85 10.74 -46.95
N LEU A 56 -30.34 9.76 -46.21
CA LEU A 56 -29.14 9.91 -45.38
C LEU A 56 -27.91 10.28 -46.16
N TYR A 57 -27.84 9.80 -47.39
CA TYR A 57 -26.59 9.87 -48.14
C TYR A 57 -26.35 11.24 -48.70
N TYR A 58 -27.36 12.10 -48.67
CA TYR A 58 -27.20 13.49 -49.04
C TYR A 58 -26.50 14.26 -47.97
N HIS A 59 -26.43 13.72 -46.77
CA HIS A 59 -25.84 14.43 -45.62
C HIS A 59 -24.55 13.84 -45.09
N PHE A 60 -24.36 12.57 -45.37
CA PHE A 60 -23.18 11.86 -44.95
C PHE A 60 -22.91 10.88 -46.08
N PRO A 61 -21.64 10.79 -46.51
CA PRO A 61 -21.25 9.90 -47.58
C PRO A 61 -21.27 8.43 -47.24
N SER A 62 -21.14 8.07 -45.97
CA SER A 62 -21.05 6.65 -45.59
C SER A 62 -21.45 6.42 -44.15
N LYS A 63 -21.91 5.23 -43.85
CA LYS A 63 -22.24 4.94 -42.45
C LYS A 63 -21.01 5.11 -41.55
N THR A 64 -19.84 4.80 -42.10
CA THR A 64 -18.58 4.93 -41.38
C THR A 64 -18.29 6.39 -41.04
N GLU A 65 -18.70 7.31 -41.91
CA GLU A 65 -18.44 8.72 -41.67
C GLU A 65 -19.27 9.26 -40.51
N ILE A 66 -20.51 8.80 -40.41
CA ILE A 66 -21.37 9.17 -39.29
C ILE A 66 -20.69 8.77 -37.97
N PHE A 67 -20.23 7.52 -37.90
CA PHE A 67 -19.62 6.96 -36.72
C PHE A 67 -18.37 7.73 -36.36
N LEU A 68 -17.63 8.08 -37.39
CA LEU A 68 -16.39 8.81 -37.22
C LEU A 68 -16.68 10.15 -36.58
N THR A 69 -17.75 10.78 -37.05
CA THR A 69 -18.07 12.11 -36.56
C THR A 69 -18.30 12.07 -35.07
N LEU A 70 -19.20 11.19 -34.65
CA LEU A 70 -19.50 10.99 -33.23
C LEU A 70 -18.25 10.66 -32.42
N LEU A 71 -17.40 9.82 -33.01
CA LEU A 71 -16.23 9.37 -32.30
C LEU A 71 -15.30 10.52 -32.02
N LYS A 72 -15.19 11.44 -32.97
CA LYS A 72 -14.42 12.64 -32.77
C LYS A 72 -14.94 13.46 -31.62
N SER A 73 -16.25 13.64 -31.58
CA SER A 73 -16.84 14.60 -30.65
C SER A 73 -16.72 14.21 -29.18
N THR A 74 -16.36 12.96 -28.92
CA THR A 74 -16.13 12.48 -27.54
C THR A 74 -14.65 12.37 -27.21
N VAL A 75 -13.87 11.83 -28.14
CA VAL A 75 -12.45 11.60 -27.92
C VAL A 75 -11.72 12.92 -27.76
N GLU A 76 -12.00 13.85 -28.66
CA GLU A 76 -11.32 15.14 -28.70
C GLU A 76 -11.37 15.87 -27.38
N PRO A 77 -12.56 16.31 -26.96
CA PRO A 77 -12.59 17.16 -25.77
C PRO A 77 -11.90 16.51 -24.58
N SER A 78 -12.10 15.19 -24.42
CA SER A 78 -11.54 14.40 -23.32
C SER A 78 -10.00 14.37 -23.36
N THR A 79 -9.45 14.15 -24.55
CA THR A 79 -8.01 14.09 -24.71
C THR A 79 -7.36 15.44 -24.41
N VAL A 80 -7.96 16.52 -24.91
CA VAL A 80 -7.34 17.84 -24.82
C VAL A 80 -7.43 18.30 -23.38
N LEU A 81 -8.54 17.96 -22.75
CA LEU A 81 -8.82 18.37 -21.38
C LEU A 81 -7.76 17.82 -20.47
N ALA A 82 -7.45 16.53 -20.62
CA ALA A 82 -6.41 15.93 -19.81
C ALA A 82 -5.07 16.63 -20.05
N GLU A 83 -4.74 16.91 -21.32
CA GLU A 83 -3.51 17.65 -21.66
C GLU A 83 -3.48 19.03 -21.02
N ASP A 84 -4.56 19.79 -21.17
CA ASP A 84 -4.68 21.13 -20.54
C ASP A 84 -4.46 21.04 -19.02
N LEU A 85 -5.17 20.13 -18.36
CA LEU A 85 -5.10 20.00 -16.89
C LEU A 85 -3.79 19.35 -16.40
N SER A 86 -3.28 18.39 -17.19
CA SER A 86 -2.05 17.68 -16.85
C SER A 86 -0.97 18.62 -16.29
N ILE A 87 -0.87 19.82 -16.86
CA ILE A 87 0.21 20.77 -16.54
C ILE A 87 -0.27 21.98 -15.73
N LEU A 88 -0.30 21.84 -14.40
CA LEU A 88 -0.74 22.94 -13.54
C LEU A 88 0.00 23.04 -12.21
N ASP A 89 -0.45 23.99 -11.39
CA ASP A 89 0.14 24.33 -10.11
C ASP A 89 0.48 23.17 -9.16
N ALA A 90 -0.48 22.26 -8.92
CA ALA A 90 -0.47 21.44 -7.70
C ALA A 90 0.31 20.11 -7.81
N GLY A 91 0.29 19.35 -6.71
CA GLY A 91 0.87 18.00 -6.66
C GLY A 91 0.09 16.91 -7.38
N PRO A 92 0.75 15.78 -7.69
CA PRO A 92 0.16 14.77 -8.56
C PRO A 92 -1.07 14.12 -7.98
N GLU A 93 -1.14 14.07 -6.65
CA GLU A 93 -2.39 13.68 -5.98
C GLU A 93 -3.52 14.59 -6.45
N MET A 94 -3.33 15.89 -6.32
CA MET A 94 -4.35 16.85 -6.75
C MET A 94 -4.59 16.82 -8.25
N ARG A 95 -3.52 16.75 -9.03
CA ARG A 95 -3.67 16.72 -10.47
C ARG A 95 -4.48 15.52 -10.90
N LEU A 96 -4.14 14.36 -10.38
CA LEU A 96 -4.85 13.16 -10.77
C LEU A 96 -6.28 13.21 -10.24
N TRP A 97 -6.49 13.73 -9.05
CA TRP A 97 -7.86 13.75 -8.53
C TRP A 97 -8.76 14.58 -9.44
N ALA A 98 -8.23 15.69 -9.96
CA ALA A 98 -8.95 16.56 -10.86
C ALA A 98 -9.22 15.88 -12.20
N ILE A 99 -8.18 15.37 -12.86
CA ILE A 99 -8.37 14.67 -14.15
C ILE A 99 -9.49 13.60 -14.05
N VAL A 100 -9.55 12.87 -12.96
CA VAL A 100 -10.55 11.82 -12.82
C VAL A 100 -11.94 12.46 -12.75
N ALA A 101 -12.08 13.39 -11.81
CA ALA A 101 -13.32 14.17 -11.64
C ALA A 101 -13.75 14.86 -12.94
N SER A 102 -12.78 15.37 -13.70
CA SER A 102 -13.06 16.12 -14.92
C SER A 102 -13.52 15.29 -16.09
N GLU A 103 -12.99 14.09 -16.20
CA GLU A 103 -13.40 13.16 -17.24
C GLU A 103 -14.69 12.48 -16.88
N VAL A 104 -14.96 12.37 -15.61
CA VAL A 104 -16.20 11.77 -15.22
C VAL A 104 -17.31 12.79 -15.42
N ARG A 105 -17.00 14.04 -15.06
CA ARG A 105 -17.91 15.18 -15.28
C ARG A 105 -18.33 15.20 -16.72
N LEU A 106 -17.36 15.02 -17.58
CA LEU A 106 -17.60 15.09 -18.99
C LEU A 106 -18.44 13.91 -19.48
N LEU A 107 -18.08 12.69 -19.13
CA LEU A 107 -18.83 11.52 -19.60
C LEU A 107 -20.28 11.48 -19.04
N LEU A 108 -20.52 12.15 -17.92
CA LEU A 108 -21.88 12.40 -17.47
C LEU A 108 -22.59 13.61 -18.15
N SER A 109 -21.86 14.43 -18.86
CA SER A 109 -22.46 15.65 -19.43
C SER A 109 -23.24 15.44 -20.75
N THR A 110 -22.91 14.41 -21.50
CA THR A 110 -23.55 14.16 -22.78
C THR A 110 -24.87 13.43 -22.63
N LYS A 111 -25.66 13.50 -23.70
CA LYS A 111 -27.04 13.09 -23.72
C LYS A 111 -27.15 11.59 -23.89
N TRP A 112 -26.32 11.06 -24.78
CA TRP A 112 -26.15 9.62 -24.89
C TRP A 112 -24.77 9.19 -24.39
N ASN A 113 -24.64 7.91 -24.03
CA ASN A 113 -23.43 7.43 -23.40
C ASN A 113 -22.31 7.17 -24.41
N VAL A 114 -21.74 8.24 -24.93
CA VAL A 114 -20.76 8.10 -26.00
C VAL A 114 -19.43 7.50 -25.58
N GLY A 115 -19.17 7.42 -24.28
CA GLY A 115 -17.97 6.71 -23.79
C GLY A 115 -17.95 5.23 -24.22
N ARG A 116 -19.13 4.65 -24.29
CA ARG A 116 -19.32 3.37 -24.87
C ARG A 116 -18.85 3.26 -26.32
N LEU A 117 -18.59 4.34 -27.02
CA LEU A 117 -18.12 4.20 -28.41
C LEU A 117 -16.66 3.81 -28.46
N TYR A 118 -15.83 4.39 -27.58
CA TYR A 118 -14.38 4.15 -27.59
C TYR A 118 -14.11 2.65 -27.54
N GLN A 119 -14.87 1.98 -26.68
CA GLN A 119 -14.61 0.61 -26.34
C GLN A 119 -15.15 -0.40 -27.36
N LEU A 120 -15.92 0.05 -28.35
CA LEU A 120 -16.47 -0.86 -29.35
C LEU A 120 -15.40 -1.56 -30.16
N PRO A 121 -15.68 -2.83 -30.59
CA PRO A 121 -14.80 -3.57 -31.49
C PRO A 121 -14.36 -2.78 -32.71
N ILE A 122 -15.32 -2.29 -33.53
CA ILE A 122 -14.98 -1.63 -34.81
C ILE A 122 -13.73 -0.74 -34.71
N VAL A 123 -13.54 -0.10 -33.55
CA VAL A 123 -12.40 0.82 -33.35
C VAL A 123 -11.04 0.10 -33.38
N GLY A 124 -11.03 -1.18 -33.00
CA GLY A 124 -9.82 -2.02 -33.07
C GLY A 124 -9.13 -2.06 -34.44
N SER A 125 -9.91 -1.99 -35.51
CA SER A 125 -9.36 -2.00 -36.88
C SER A 125 -8.33 -0.87 -37.10
N GLU A 126 -7.44 -1.08 -38.07
CA GLU A 126 -6.37 -0.12 -38.36
C GLU A 126 -6.94 1.19 -38.91
N GLU A 127 -7.99 1.05 -39.69
CA GLU A 127 -8.82 2.17 -40.18
C GLU A 127 -8.97 3.35 -39.20
N PHE A 128 -9.17 3.05 -37.91
CA PHE A 128 -9.37 4.05 -36.84
C PHE A 128 -8.10 4.23 -36.00
N ALA A 129 -6.98 4.52 -36.65
CA ALA A 129 -5.69 4.59 -35.95
C ALA A 129 -5.47 5.94 -35.29
N GLU A 130 -6.05 7.01 -35.85
CA GLU A 130 -5.92 8.35 -35.27
C GLU A 130 -6.43 8.39 -33.83
N TYR A 131 -7.35 7.48 -33.52
CA TYR A 131 -8.06 7.49 -32.25
C TYR A 131 -7.40 6.62 -31.22
N HIS A 132 -6.97 5.43 -31.59
CA HIS A 132 -6.11 4.63 -30.71
C HIS A 132 -4.99 5.50 -30.20
N SER A 133 -4.40 6.24 -31.13
CA SER A 133 -3.34 7.17 -30.81
C SER A 133 -3.76 8.12 -29.67
N GLN A 134 -4.83 8.85 -29.87
CA GLN A 134 -5.32 9.77 -28.85
C GLN A 134 -5.70 9.03 -27.56
N ARG A 135 -6.33 7.87 -27.75
CA ARG A 135 -6.76 7.05 -26.64
C ARG A 135 -5.59 6.63 -25.76
N GLU A 136 -4.53 6.15 -26.39
CA GLU A 136 -3.36 5.72 -25.62
C GLU A 136 -2.73 6.92 -24.97
N ALA A 137 -2.64 8.02 -25.68
CA ALA A 137 -2.03 9.22 -25.15
C ALA A 137 -2.70 9.62 -23.84
N LEU A 138 -4.02 9.59 -23.87
CA LEU A 138 -4.82 9.88 -22.69
C LEU A 138 -4.47 8.92 -21.56
N THR A 139 -4.54 7.63 -21.89
CA THR A 139 -4.20 6.55 -20.98
C THR A 139 -2.83 6.76 -20.33
N ASN A 140 -1.86 7.16 -21.13
CA ASN A 140 -0.51 7.41 -20.63
C ASN A 140 -0.46 8.56 -19.64
N ILE A 141 -1.30 9.56 -19.83
CA ILE A 141 -1.30 10.68 -18.90
C ILE A 141 -1.64 10.18 -17.50
N PHE A 142 -2.71 9.40 -17.40
CA PHE A 142 -3.17 8.90 -16.12
C PHE A 142 -2.10 8.02 -15.46
N ARG A 143 -1.58 7.09 -16.26
CA ARG A 143 -0.55 6.18 -15.78
C ARG A 143 0.63 6.94 -15.16
N ASP A 144 1.13 7.93 -15.89
CA ASP A 144 2.26 8.72 -15.43
C ASP A 144 1.88 9.51 -14.17
N LEU A 145 0.69 10.07 -14.15
CA LEU A 145 0.22 10.74 -12.94
C LEU A 145 0.27 9.77 -11.79
N ALA A 146 -0.20 8.56 -12.01
CA ALA A 146 -0.32 7.58 -10.92
C ALA A 146 1.07 7.10 -10.48
N THR A 147 1.93 6.87 -11.48
CA THR A 147 3.34 6.56 -11.25
C THR A 147 4.07 7.58 -10.37
N GLU A 148 3.70 8.85 -10.48
CA GLU A 148 4.24 9.89 -9.58
C GLU A 148 3.87 9.73 -8.11
N ILE A 149 2.95 8.82 -7.80
CA ILE A 149 2.47 8.65 -6.44
C ILE A 149 2.89 7.31 -5.84
N VAL A 150 2.74 6.23 -6.63
CA VAL A 150 3.08 4.87 -6.18
C VAL A 150 4.36 4.31 -6.78
N GLY A 151 4.95 5.02 -7.72
CA GLY A 151 6.15 4.53 -8.39
C GLY A 151 5.80 3.48 -9.40
N ASP A 152 6.83 2.87 -9.99
CA ASP A 152 6.65 1.81 -10.98
C ASP A 152 6.00 0.62 -10.29
N ASP A 153 4.70 0.47 -10.50
CA ASP A 153 3.83 -0.38 -9.70
C ASP A 153 2.57 -0.63 -10.50
N PRO A 154 2.08 -1.88 -10.52
CA PRO A 154 0.97 -2.19 -11.43
C PRO A 154 -0.32 -1.44 -11.12
N ARG A 155 -0.45 -0.96 -9.88
CA ARG A 155 -1.61 -0.15 -9.50
C ARG A 155 -1.77 1.09 -10.36
N ALA A 156 -0.67 1.63 -10.85
CA ALA A 156 -0.73 2.79 -11.71
C ALA A 156 -1.71 2.63 -12.88
N GLU A 157 -1.95 1.40 -13.32
CA GLU A 157 -2.98 1.13 -14.33
C GLU A 157 -4.45 1.42 -13.94
N LEU A 158 -4.74 1.46 -12.65
CA LEU A 158 -6.12 1.48 -12.18
C LEU A 158 -6.93 2.76 -12.30
N PRO A 159 -6.37 3.90 -11.85
CA PRO A 159 -7.20 5.09 -11.90
C PRO A 159 -7.92 5.29 -13.23
N PHE A 160 -7.22 5.00 -14.33
CA PHE A 160 -7.89 5.05 -15.62
C PHE A 160 -9.13 4.15 -15.74
N HIS A 161 -9.05 2.90 -15.32
CA HIS A 161 -10.19 1.98 -15.41
C HIS A 161 -11.30 2.32 -14.42
N ILE A 162 -10.91 2.80 -13.25
CA ILE A 162 -11.88 3.30 -12.31
C ILE A 162 -12.65 4.43 -12.97
N THR A 163 -11.92 5.33 -13.62
CA THR A 163 -12.53 6.49 -14.27
C THR A 163 -13.54 6.06 -15.32
N MET A 164 -13.08 5.25 -16.26
CA MET A 164 -13.94 4.79 -17.34
C MET A 164 -15.11 3.97 -16.86
N SER A 165 -15.10 3.55 -15.60
CA SER A 165 -16.18 2.74 -15.08
C SER A 165 -17.54 3.43 -15.12
N VAL A 166 -17.60 4.77 -15.13
CA VAL A 166 -18.92 5.50 -15.22
C VAL A 166 -19.75 5.07 -16.40
N ILE A 167 -19.07 4.72 -17.47
CA ILE A 167 -19.73 4.29 -18.66
C ILE A 167 -20.68 3.13 -18.36
N GLU A 168 -20.28 2.24 -17.46
CA GLU A 168 -21.10 1.10 -17.11
C GLU A 168 -22.20 1.49 -16.16
N MET A 169 -22.07 2.62 -15.50
CA MET A 169 -23.01 2.99 -14.44
C MET A 169 -23.84 4.24 -14.74
N ARG A 170 -23.96 4.64 -15.99
CA ARG A 170 -24.76 5.84 -16.28
C ARG A 170 -25.92 5.47 -17.16
N ARG A 171 -26.91 6.35 -17.23
CA ARG A 171 -28.07 6.14 -18.08
C ARG A 171 -27.77 6.36 -19.55
N ASN A 172 -28.66 5.86 -20.40
CA ASN A 172 -28.49 6.04 -21.83
C ASN A 172 -29.83 6.06 -22.52
N ASP A 173 -30.58 7.10 -22.24
CA ASP A 173 -31.91 7.29 -22.77
C ASP A 173 -32.17 8.74 -23.23
N GLY A 174 -31.13 9.54 -23.32
CA GLY A 174 -31.27 10.86 -23.91
C GLY A 174 -31.60 11.92 -22.90
N LYS A 175 -31.44 11.57 -21.63
CA LYS A 175 -31.54 12.55 -20.58
C LYS A 175 -30.16 12.63 -19.98
N ILE A 176 -29.64 13.84 -19.91
CA ILE A 176 -28.31 14.04 -19.37
C ILE A 176 -28.35 13.75 -17.89
N PRO A 177 -27.54 12.79 -17.40
CA PRO A 177 -27.53 12.46 -15.97
C PRO A 177 -27.04 13.60 -15.11
N SER A 178 -25.97 14.28 -15.53
CA SER A 178 -25.49 15.47 -14.80
C SER A 178 -25.00 16.52 -15.76
N PRO A 179 -25.86 17.54 -16.02
CA PRO A 179 -25.49 18.68 -16.89
C PRO A 179 -24.38 19.42 -16.24
N LEU A 180 -23.58 20.11 -17.04
CA LEU A 180 -22.43 20.83 -16.50
C LEU A 180 -22.82 22.00 -15.60
N SER A 181 -22.05 22.18 -14.54
CA SER A 181 -22.21 23.30 -13.64
C SER A 181 -20.84 23.83 -13.24
N ALA A 182 -20.64 25.12 -13.33
CA ALA A 182 -19.38 25.72 -12.87
C ALA A 182 -19.33 25.64 -11.36
N ASP A 183 -20.48 25.77 -10.71
CA ASP A 183 -20.59 25.67 -9.25
C ASP A 183 -20.28 24.32 -8.59
N SER A 184 -20.67 23.20 -9.19
CA SER A 184 -20.45 21.90 -8.53
C SER A 184 -20.10 20.71 -9.42
N LEU A 185 -19.52 19.70 -8.77
CA LEU A 185 -19.13 18.43 -9.40
C LEU A 185 -20.16 17.37 -9.07
N PRO A 186 -20.53 16.56 -10.05
CA PRO A 186 -21.47 15.48 -9.74
C PRO A 186 -20.90 14.52 -8.71
N GLU A 187 -21.77 14.00 -7.85
CA GLU A 187 -21.39 13.07 -6.78
C GLU A 187 -20.52 11.95 -7.30
N THR A 188 -20.97 11.34 -8.38
CA THR A 188 -20.24 10.24 -8.99
C THR A 188 -18.80 10.60 -9.40
N ALA A 189 -18.55 11.82 -9.82
CA ALA A 189 -17.19 12.22 -10.06
C ALA A 189 -16.41 12.24 -8.77
N ILE A 190 -16.99 12.76 -7.71
CA ILE A 190 -16.28 12.84 -6.44
C ILE A 190 -15.83 11.43 -6.04
N MET A 191 -16.76 10.48 -6.11
CA MET A 191 -16.48 9.10 -5.71
C MET A 191 -15.31 8.45 -6.47
N LEU A 192 -15.35 8.54 -7.78
CA LEU A 192 -14.35 7.89 -8.60
C LEU A 192 -13.01 8.57 -8.51
N ALA A 193 -13.01 9.84 -8.20
CA ALA A 193 -11.74 10.51 -7.94
C ALA A 193 -11.21 10.01 -6.60
N ASP A 194 -12.09 10.02 -5.61
CA ASP A 194 -11.77 9.59 -4.26
C ASP A 194 -11.28 8.16 -4.23
N ALA A 195 -11.93 7.28 -5.00
CA ALA A 195 -11.52 5.88 -5.15
C ALA A 195 -10.16 5.80 -5.81
N SER A 196 -10.00 6.50 -6.93
CA SER A 196 -8.71 6.49 -7.62
C SER A 196 -7.53 6.85 -6.74
N LEU A 197 -7.73 7.66 -5.70
CA LEU A 197 -6.62 7.91 -4.81
C LEU A 197 -6.51 6.83 -3.75
N ALA A 198 -7.64 6.26 -3.32
CA ALA A 198 -7.58 5.18 -2.32
C ALA A 198 -6.82 3.97 -2.84
N VAL A 199 -7.07 3.54 -4.09
CA VAL A 199 -6.32 2.41 -4.62
C VAL A 199 -4.85 2.71 -4.64
N LEU A 200 -4.45 3.96 -4.82
CA LEU A 200 -3.01 4.30 -4.72
C LEU A 200 -2.53 4.55 -3.29
N GLY A 201 -3.42 4.36 -2.33
CA GLY A 201 -3.11 4.55 -0.93
C GLY A 201 -2.63 5.94 -0.55
N ALA A 202 -3.32 6.94 -1.07
CA ALA A 202 -2.92 8.33 -0.88
C ALA A 202 -4.10 9.10 -0.32
N SER A 203 -3.82 9.94 0.68
CA SER A 203 -4.86 10.73 1.32
C SER A 203 -5.36 11.74 0.31
N LEU A 204 -6.63 12.13 0.47
CA LEU A 204 -7.24 13.07 -0.45
C LEU A 204 -6.54 14.43 -0.37
N PRO A 205 -6.43 15.14 -1.50
CA PRO A 205 -5.80 16.45 -1.41
C PRO A 205 -6.76 17.48 -0.81
N ALA A 206 -6.23 18.66 -0.49
CA ALA A 206 -7.02 19.72 0.15
C ALA A 206 -7.99 20.47 -0.78
N ASP A 207 -9.14 20.86 -0.23
CA ASP A 207 -10.14 21.67 -0.92
C ASP A 207 -10.25 21.22 -2.37
N ARG A 208 -10.49 19.92 -2.55
CA ARG A 208 -10.32 19.32 -3.87
C ARG A 208 -11.48 19.64 -4.83
N VAL A 209 -12.70 19.75 -4.32
CA VAL A 209 -13.82 20.10 -5.19
C VAL A 209 -13.73 21.58 -5.54
N GLU A 210 -13.59 22.41 -4.51
CA GLU A 210 -13.38 23.85 -4.69
C GLU A 210 -12.26 24.10 -5.70
N LYS A 211 -11.15 23.37 -5.55
CA LYS A 211 -10.00 23.63 -6.40
C LYS A 211 -10.16 23.04 -7.79
N THR A 212 -10.86 21.91 -7.91
CA THR A 212 -10.97 21.29 -9.22
C THR A 212 -11.81 22.16 -10.14
N LEU A 213 -12.84 22.80 -9.58
CA LEU A 213 -13.66 23.74 -10.35
C LEU A 213 -12.83 24.95 -10.79
N GLU A 214 -11.95 25.45 -9.92
CA GLU A 214 -10.96 26.45 -10.34
C GLU A 214 -10.22 26.02 -11.61
N LEU A 215 -9.65 24.81 -11.63
CA LEU A 215 -8.86 24.36 -12.79
C LEU A 215 -9.69 24.29 -14.06
N ILE A 216 -10.97 23.93 -13.91
CA ILE A 216 -11.86 23.83 -15.03
C ILE A 216 -12.15 25.22 -15.59
N LYS A 217 -12.45 26.19 -14.72
CA LYS A 217 -12.63 27.62 -15.14
C LYS A 217 -11.41 28.07 -15.94
N GLN A 218 -10.23 27.77 -15.42
CA GLN A 218 -9.00 28.06 -16.13
C GLN A 218 -8.99 27.37 -17.47
N ALA A 219 -9.10 26.05 -17.46
CA ALA A 219 -9.04 25.27 -18.70
C ALA A 219 -10.07 25.74 -19.74
N ASP A 220 -11.27 26.08 -19.28
CA ASP A 220 -12.36 26.54 -20.15
C ASP A 220 -11.97 27.84 -20.87
N ALA A 221 -11.31 28.75 -20.17
CA ALA A 221 -10.85 30.02 -20.76
C ALA A 221 -9.67 29.87 -21.75
N LYS A 222 -8.69 29.02 -21.41
CA LYS A 222 -7.49 28.75 -22.24
C LYS A 222 -7.44 29.48 -23.58
N ALA B 4 -3.66 -40.66 -32.67
CA ALA B 4 -2.81 -39.65 -33.38
C ALA B 4 -1.42 -39.49 -32.73
N VAL B 5 -0.67 -40.59 -32.64
CA VAL B 5 0.62 -40.59 -31.91
C VAL B 5 1.64 -39.66 -32.57
N GLY B 6 2.44 -38.99 -31.73
CA GLY B 6 3.50 -38.09 -32.20
C GLY B 6 3.06 -36.65 -32.43
N ARG B 7 4.05 -35.77 -32.48
CA ARG B 7 3.79 -34.34 -32.63
C ARG B 7 3.03 -34.05 -33.93
N PRO B 8 2.04 -33.14 -33.88
CA PRO B 8 1.23 -32.90 -35.07
C PRO B 8 1.92 -31.99 -36.11
N ARG B 9 1.58 -32.21 -37.38
CA ARG B 9 2.08 -31.41 -38.50
C ARG B 9 1.81 -29.93 -38.28
N ARG B 10 2.72 -29.05 -38.70
CA ARG B 10 2.44 -27.60 -38.66
C ARG B 10 1.24 -27.25 -39.57
N SER B 11 1.13 -27.94 -40.71
CA SER B 11 0.02 -27.75 -41.66
C SER B 11 -1.34 -28.03 -41.07
N ALA B 12 -1.38 -29.07 -40.22
CA ALA B 12 -2.62 -29.60 -39.61
C ALA B 12 -3.48 -28.48 -39.02
N PRO B 13 -4.80 -28.73 -38.81
CA PRO B 13 -5.73 -27.61 -38.56
C PRO B 13 -5.35 -26.89 -37.29
N ARG B 14 -5.10 -25.58 -37.38
CA ARG B 14 -4.52 -24.84 -36.27
C ARG B 14 -5.30 -24.97 -34.95
N ARG B 15 -6.61 -25.25 -35.04
CA ARG B 15 -7.51 -25.24 -33.87
C ARG B 15 -7.24 -26.30 -32.82
N ALA B 16 -7.77 -26.02 -31.62
CA ALA B 16 -7.47 -26.78 -30.42
C ALA B 16 -8.78 -27.25 -29.79
N GLY B 17 -8.89 -28.55 -29.54
CA GLY B 17 -10.01 -29.10 -28.78
C GLY B 17 -10.10 -30.61 -28.96
N LYS B 18 -10.69 -31.28 -27.98
CA LYS B 18 -10.96 -32.72 -28.09
C LYS B 18 -11.49 -33.05 -29.50
N ASN B 19 -12.63 -32.46 -29.84
CA ASN B 19 -13.43 -32.86 -30.99
C ASN B 19 -13.61 -31.70 -31.99
N PRO B 20 -14.46 -31.87 -33.05
CA PRO B 20 -14.61 -30.74 -34.00
C PRO B 20 -15.38 -29.52 -33.46
N ARG B 21 -16.48 -29.74 -32.74
CA ARG B 21 -17.22 -28.64 -32.12
C ARG B 21 -16.29 -27.74 -31.30
N GLU B 22 -15.53 -28.31 -30.38
CA GLU B 22 -14.57 -27.53 -29.61
C GLU B 22 -13.62 -26.73 -30.50
N GLU B 23 -13.13 -27.33 -31.59
CA GLU B 23 -12.32 -26.59 -32.56
C GLU B 23 -13.03 -25.29 -33.00
N ILE B 24 -14.35 -25.38 -33.19
CA ILE B 24 -15.18 -24.23 -33.56
C ILE B 24 -15.07 -23.17 -32.48
N LEU B 25 -15.62 -23.48 -31.31
CA LEU B 25 -15.62 -22.54 -30.21
C LEU B 25 -14.23 -21.90 -29.98
N ASP B 26 -13.16 -22.66 -30.20
CA ASP B 26 -11.83 -22.08 -30.09
C ASP B 26 -11.66 -21.01 -31.16
N ALA B 27 -12.06 -21.33 -32.39
CA ALA B 27 -11.95 -20.37 -33.49
C ALA B 27 -12.83 -19.15 -33.25
N SER B 28 -14.02 -19.43 -32.76
CA SER B 28 -15.01 -18.40 -32.52
C SER B 28 -14.53 -17.44 -31.46
N ALA B 29 -14.06 -17.97 -30.34
CA ALA B 29 -13.61 -17.09 -29.26
C ALA B 29 -12.51 -16.13 -29.75
N GLU B 30 -11.60 -16.60 -30.60
CA GLU B 30 -10.53 -15.73 -31.08
C GLU B 30 -11.12 -14.58 -31.90
N LEU B 31 -12.13 -14.87 -32.71
CA LEU B 31 -12.73 -13.88 -33.59
C LEU B 31 -13.69 -12.97 -32.85
N PHE B 32 -14.61 -13.57 -32.12
CA PHE B 32 -15.56 -12.79 -31.33
C PHE B 32 -14.93 -11.85 -30.30
N THR B 33 -13.77 -12.16 -29.77
CA THR B 33 -13.20 -11.32 -28.75
C THR B 33 -12.27 -10.32 -29.33
N HIS B 34 -12.08 -10.36 -30.65
CA HIS B 34 -11.26 -9.39 -31.38
C HIS B 34 -12.13 -8.44 -32.23
N GLN B 35 -13.06 -8.98 -32.98
CA GLN B 35 -13.93 -8.20 -33.87
C GLN B 35 -15.37 -8.19 -33.38
N GLY B 36 -15.74 -9.11 -32.51
CA GLY B 36 -17.13 -9.18 -32.05
C GLY B 36 -18.07 -9.95 -32.96
N PHE B 37 -19.28 -10.16 -32.48
CA PHE B 37 -20.23 -11.06 -33.08
C PHE B 37 -20.59 -10.74 -34.51
N ALA B 38 -21.25 -9.61 -34.73
CA ALA B 38 -21.88 -9.32 -36.03
C ALA B 38 -20.84 -9.11 -37.12
N THR B 39 -19.76 -8.43 -36.80
CA THR B 39 -18.67 -8.25 -37.74
C THR B 39 -18.02 -9.57 -38.22
N THR B 40 -18.23 -10.67 -37.49
CA THR B 40 -17.57 -11.96 -37.76
C THR B 40 -18.46 -12.86 -38.60
N SER B 41 -17.97 -13.27 -39.78
CA SER B 41 -18.78 -14.12 -40.69
C SER B 41 -18.54 -15.60 -40.39
N THR B 42 -19.57 -16.44 -40.54
CA THR B 42 -19.38 -17.88 -40.43
C THR B 42 -18.27 -18.32 -41.38
N HIS B 43 -18.24 -17.74 -42.56
CA HIS B 43 -17.15 -18.00 -43.46
C HIS B 43 -15.81 -17.86 -42.73
N GLN B 44 -15.57 -16.70 -42.11
CA GLN B 44 -14.33 -16.44 -41.35
C GLN B 44 -14.02 -17.50 -40.29
N ILE B 45 -15.06 -18.01 -39.64
CA ILE B 45 -14.89 -19.04 -38.63
C ILE B 45 -14.39 -20.31 -39.27
N ALA B 46 -15.18 -20.81 -40.23
CA ALA B 46 -14.88 -22.02 -40.98
C ALA B 46 -13.42 -22.00 -41.43
N ASP B 47 -13.01 -20.97 -42.13
CA ASP B 47 -11.63 -20.86 -42.61
C ASP B 47 -10.64 -21.08 -41.47
N ALA B 48 -10.94 -20.48 -40.32
CA ALA B 48 -10.09 -20.62 -39.15
C ALA B 48 -10.07 -22.07 -38.63
N VAL B 49 -11.20 -22.77 -38.70
CA VAL B 49 -11.27 -24.19 -38.32
C VAL B 49 -10.69 -25.06 -39.44
N GLY B 50 -10.55 -24.50 -40.64
CA GLY B 50 -9.98 -25.20 -41.79
C GLY B 50 -11.01 -25.95 -42.62
N ILE B 51 -12.27 -25.58 -42.48
CA ILE B 51 -13.37 -26.28 -43.14
C ILE B 51 -14.19 -25.28 -43.95
N ARG B 52 -15.09 -25.82 -44.76
CA ARG B 52 -16.02 -25.02 -45.55
C ARG B 52 -17.16 -24.48 -44.68
N GLN B 53 -17.58 -23.25 -45.01
CA GLN B 53 -18.61 -22.51 -44.30
C GLN B 53 -19.84 -23.34 -43.95
N ALA B 54 -20.40 -24.02 -44.94
CA ALA B 54 -21.67 -24.70 -44.70
C ALA B 54 -21.61 -25.78 -43.61
N SER B 55 -20.43 -26.38 -43.43
CA SER B 55 -20.25 -27.53 -42.52
C SER B 55 -20.61 -27.21 -41.06
N LEU B 56 -20.28 -25.99 -40.61
CA LEU B 56 -20.59 -25.55 -39.24
C LEU B 56 -22.02 -25.88 -38.81
N TYR B 57 -22.94 -25.98 -39.78
CA TYR B 57 -24.35 -26.13 -39.48
C TYR B 57 -24.78 -27.54 -39.10
N TYR B 58 -23.85 -28.49 -39.25
CA TYR B 58 -23.99 -29.82 -38.66
C TYR B 58 -23.86 -29.69 -37.14
N HIS B 59 -22.78 -29.05 -36.70
CA HIS B 59 -22.44 -28.98 -35.29
C HIS B 59 -23.27 -27.99 -34.47
N PHE B 60 -23.58 -26.86 -35.08
CA PHE B 60 -24.41 -25.84 -34.43
C PHE B 60 -25.59 -25.45 -35.34
N PRO B 61 -26.75 -25.10 -34.73
CA PRO B 61 -27.92 -24.59 -35.49
C PRO B 61 -27.70 -23.26 -36.15
N SER B 62 -27.05 -22.33 -35.45
CA SER B 62 -26.89 -20.93 -35.91
C SER B 62 -25.60 -20.30 -35.40
N LYS B 63 -25.26 -19.15 -35.98
CA LYS B 63 -24.10 -18.39 -35.51
C LYS B 63 -24.39 -17.86 -34.12
N THR B 64 -25.64 -17.55 -33.88
CA THR B 64 -26.10 -17.21 -32.56
C THR B 64 -25.72 -18.32 -31.57
N GLU B 65 -26.07 -19.54 -31.90
CA GLU B 65 -25.89 -20.63 -30.95
C GLU B 65 -24.42 -20.79 -30.54
N ILE B 66 -23.51 -20.66 -31.49
CA ILE B 66 -22.11 -20.72 -31.16
C ILE B 66 -21.82 -19.75 -30.04
N PHE B 67 -22.28 -18.52 -30.24
CA PHE B 67 -21.95 -17.37 -29.37
C PHE B 67 -22.61 -17.57 -28.03
N LEU B 68 -23.91 -17.81 -28.07
CA LEU B 68 -24.65 -18.08 -26.85
C LEU B 68 -23.94 -19.16 -26.04
N THR B 69 -23.45 -20.20 -26.70
CA THR B 69 -22.72 -21.26 -26.02
C THR B 69 -21.47 -20.72 -25.34
N LEU B 70 -20.60 -20.07 -26.12
CA LEU B 70 -19.40 -19.42 -25.57
C LEU B 70 -19.70 -18.57 -24.33
N LEU B 71 -20.82 -17.86 -24.32
CA LEU B 71 -21.21 -17.11 -23.13
C LEU B 71 -21.45 -18.06 -21.97
N LYS B 72 -22.45 -18.92 -22.10
CA LYS B 72 -22.77 -19.92 -21.08
C LYS B 72 -21.48 -20.53 -20.49
N SER B 73 -20.56 -20.93 -21.37
CA SER B 73 -19.36 -21.63 -20.94
C SER B 73 -18.45 -20.80 -20.04
N THR B 74 -18.64 -19.49 -20.01
CA THR B 74 -17.81 -18.59 -19.18
C THR B 74 -18.56 -18.00 -18.00
N VAL B 75 -19.88 -17.87 -18.11
CA VAL B 75 -20.68 -17.30 -17.01
C VAL B 75 -20.89 -18.33 -15.90
N GLU B 76 -21.52 -19.45 -16.25
CA GLU B 76 -21.86 -20.50 -15.28
C GLU B 76 -20.74 -20.84 -14.28
N PRO B 77 -19.51 -21.13 -14.78
CA PRO B 77 -18.34 -21.36 -13.91
C PRO B 77 -18.12 -20.27 -12.87
N SER B 78 -18.28 -19.02 -13.31
CA SER B 78 -18.12 -17.87 -12.44
C SER B 78 -19.30 -17.73 -11.50
N THR B 79 -20.50 -17.99 -12.01
CA THR B 79 -21.71 -17.78 -11.21
C THR B 79 -21.79 -18.79 -10.08
N VAL B 80 -21.32 -20.00 -10.36
CA VAL B 80 -21.33 -21.04 -9.33
C VAL B 80 -20.23 -20.74 -8.30
N LEU B 81 -19.03 -20.40 -8.79
CA LEU B 81 -17.92 -19.99 -7.92
C LEU B 81 -18.33 -18.93 -6.91
N ALA B 82 -18.82 -17.80 -7.42
CA ALA B 82 -19.26 -16.72 -6.55
C ALA B 82 -20.32 -17.15 -5.53
N GLU B 83 -21.35 -17.84 -5.99
CA GLU B 83 -22.44 -18.26 -5.10
C GLU B 83 -21.99 -19.08 -3.89
N ASP B 84 -21.03 -19.98 -4.12
CA ASP B 84 -20.59 -20.88 -3.06
C ASP B 84 -19.69 -20.17 -2.05
N LEU B 85 -18.68 -19.44 -2.53
CA LEU B 85 -17.85 -18.56 -1.66
C LEU B 85 -18.71 -17.53 -0.92
N SER B 86 -19.83 -17.15 -1.51
CA SER B 86 -20.68 -16.05 -1.01
C SER B 86 -21.21 -16.30 0.38
N ILE B 87 -21.60 -17.54 0.64
CA ILE B 87 -22.22 -17.95 1.92
C ILE B 87 -21.19 -18.41 2.95
N LEU B 88 -20.09 -19.04 2.48
CA LEU B 88 -19.05 -19.63 3.34
C LEU B 88 -18.66 -18.78 4.55
N ASP B 89 -18.29 -19.44 5.64
CA ASP B 89 -18.14 -18.79 6.93
C ASP B 89 -16.85 -17.96 7.03
N ALA B 90 -16.99 -16.66 6.81
CA ALA B 90 -15.91 -15.69 7.04
C ALA B 90 -16.49 -14.27 7.00
N GLY B 91 -15.66 -13.27 7.27
CA GLY B 91 -16.12 -11.89 7.26
C GLY B 91 -16.42 -11.39 5.85
N PRO B 92 -17.26 -10.33 5.75
CA PRO B 92 -17.63 -9.80 4.44
C PRO B 92 -16.44 -9.35 3.59
N GLU B 93 -15.45 -8.74 4.25
CA GLU B 93 -14.20 -8.38 3.60
C GLU B 93 -13.50 -9.59 3.05
N MET B 94 -13.36 -10.61 3.86
CA MET B 94 -12.67 -11.81 3.42
C MET B 94 -13.43 -12.46 2.27
N ARG B 95 -14.75 -12.51 2.38
CA ARG B 95 -15.55 -13.12 1.33
C ARG B 95 -15.39 -12.36 0.04
N LEU B 96 -15.46 -11.03 0.14
CA LEU B 96 -15.34 -10.18 -1.03
C LEU B 96 -13.98 -10.29 -1.70
N TRP B 97 -12.93 -10.33 -0.89
CA TRP B 97 -11.58 -10.43 -1.43
C TRP B 97 -11.42 -11.73 -2.22
N ALA B 98 -11.95 -12.81 -1.67
CA ALA B 98 -11.83 -14.11 -2.32
C ALA B 98 -12.57 -14.12 -3.64
N ILE B 99 -13.74 -13.50 -3.68
CA ILE B 99 -14.53 -13.49 -4.91
C ILE B 99 -13.84 -12.68 -6.01
N VAL B 100 -13.44 -11.45 -5.67
CA VAL B 100 -12.67 -10.65 -6.61
C VAL B 100 -11.49 -11.46 -7.11
N ALA B 101 -10.65 -11.92 -6.19
CA ALA B 101 -9.45 -12.68 -6.55
C ALA B 101 -9.73 -13.87 -7.44
N SER B 102 -10.76 -14.64 -7.11
CA SER B 102 -11.01 -15.86 -7.87
C SER B 102 -11.72 -15.62 -9.21
N GLU B 103 -12.58 -14.61 -9.28
CA GLU B 103 -13.08 -14.13 -10.57
C GLU B 103 -11.98 -13.66 -11.52
N VAL B 104 -11.07 -12.87 -10.99
CA VAL B 104 -9.95 -12.39 -11.78
C VAL B 104 -9.07 -13.58 -12.14
N ARG B 105 -8.93 -14.51 -11.20
CA ARG B 105 -8.12 -15.70 -11.42
C ARG B 105 -8.65 -16.49 -12.60
N LEU B 106 -9.97 -16.54 -12.67
CA LEU B 106 -10.69 -17.32 -13.64
C LEU B 106 -10.62 -16.66 -15.01
N LEU B 107 -10.86 -15.34 -15.05
CA LEU B 107 -10.80 -14.56 -16.31
C LEU B 107 -9.40 -14.53 -16.94
N LEU B 108 -8.38 -14.74 -16.10
CA LEU B 108 -7.00 -14.95 -16.55
C LEU B 108 -6.64 -16.41 -16.89
N SER B 109 -7.56 -17.34 -16.66
CA SER B 109 -7.25 -18.76 -16.84
C SER B 109 -7.48 -19.22 -18.25
N THR B 110 -8.43 -18.60 -18.94
CA THR B 110 -8.85 -19.02 -20.29
C THR B 110 -7.83 -18.65 -21.39
N LYS B 111 -8.01 -19.20 -22.57
CA LYS B 111 -7.00 -19.15 -23.61
C LYS B 111 -7.11 -17.82 -24.33
N TRP B 112 -8.36 -17.52 -24.66
CA TRP B 112 -8.74 -16.23 -25.22
C TRP B 112 -9.40 -15.39 -24.13
N ASN B 113 -9.57 -14.09 -24.41
CA ASN B 113 -10.13 -13.19 -23.42
C ASN B 113 -11.65 -13.15 -23.48
N VAL B 114 -12.27 -14.17 -22.94
CA VAL B 114 -13.71 -14.31 -23.02
C VAL B 114 -14.48 -13.30 -22.19
N GLY B 115 -13.80 -12.60 -21.29
CA GLY B 115 -14.40 -11.43 -20.64
C GLY B 115 -14.94 -10.35 -21.60
N ARG B 116 -14.21 -10.11 -22.70
CA ARG B 116 -14.71 -9.26 -23.80
C ARG B 116 -16.12 -9.57 -24.24
N LEU B 117 -16.54 -10.82 -24.24
CA LEU B 117 -17.92 -11.13 -24.63
C LEU B 117 -18.93 -10.48 -23.71
N TYR B 118 -18.54 -10.15 -22.48
CA TYR B 118 -19.48 -9.50 -21.56
C TYR B 118 -19.78 -8.10 -22.03
N GLN B 119 -18.74 -7.36 -22.39
CA GLN B 119 -18.89 -5.97 -22.83
C GLN B 119 -19.52 -5.86 -24.22
N LEU B 120 -19.66 -6.97 -24.92
CA LEU B 120 -20.33 -6.92 -26.21
C LEU B 120 -21.77 -6.50 -25.99
N PRO B 121 -22.30 -5.68 -26.91
CA PRO B 121 -23.66 -5.19 -26.84
C PRO B 121 -24.65 -6.08 -27.54
N ILE B 122 -24.15 -7.18 -28.11
CA ILE B 122 -24.98 -8.09 -28.86
C ILE B 122 -26.06 -8.71 -27.99
N VAL B 123 -25.88 -8.62 -26.68
CA VAL B 123 -26.81 -9.27 -25.76
C VAL B 123 -28.08 -8.40 -25.52
N GLY B 124 -28.89 -8.26 -26.59
CA GLY B 124 -30.16 -7.51 -26.46
C GLY B 124 -31.38 -8.39 -26.79
N SER B 125 -31.14 -9.57 -27.37
CA SER B 125 -32.22 -10.46 -27.81
C SER B 125 -33.02 -11.13 -26.69
N GLU B 126 -34.23 -11.54 -27.02
CA GLU B 126 -35.11 -12.24 -26.08
C GLU B 126 -34.51 -13.57 -25.62
N GLU B 127 -33.91 -14.29 -26.55
CA GLU B 127 -33.27 -15.57 -26.23
C GLU B 127 -32.14 -15.37 -25.23
N PHE B 128 -31.39 -14.29 -25.42
CA PHE B 128 -30.28 -13.94 -24.55
C PHE B 128 -30.68 -13.72 -23.09
N ALA B 129 -31.97 -13.71 -22.80
CA ALA B 129 -32.42 -13.46 -21.44
C ALA B 129 -31.85 -14.43 -20.38
N GLU B 130 -31.75 -15.71 -20.71
CA GLU B 130 -31.23 -16.66 -19.71
C GLU B 130 -29.84 -16.18 -19.24
N TYR B 131 -28.92 -16.00 -20.18
CA TYR B 131 -27.61 -15.39 -19.89
C TYR B 131 -27.78 -14.05 -19.18
N HIS B 132 -28.65 -13.22 -19.71
CA HIS B 132 -28.75 -11.83 -19.28
C HIS B 132 -29.00 -11.70 -17.78
N SER B 133 -29.94 -12.49 -17.26
CA SER B 133 -30.33 -12.40 -15.85
C SER B 133 -29.38 -13.19 -14.95
N GLN B 134 -28.55 -14.04 -15.53
CA GLN B 134 -27.50 -14.73 -14.78
C GLN B 134 -26.30 -13.79 -14.60
N ARG B 135 -26.00 -13.01 -15.63
CA ARG B 135 -25.02 -11.92 -15.52
C ARG B 135 -25.41 -10.94 -14.41
N GLU B 136 -26.67 -10.56 -14.36
CA GLU B 136 -27.16 -9.66 -13.30
C GLU B 136 -27.15 -10.30 -11.90
N ALA B 137 -27.26 -11.62 -11.83
CA ALA B 137 -27.23 -12.32 -10.54
C ALA B 137 -25.83 -12.29 -9.93
N LEU B 138 -24.83 -12.62 -10.76
CA LEU B 138 -23.42 -12.53 -10.39
C LEU B 138 -23.07 -11.13 -9.88
N THR B 139 -23.37 -10.16 -10.71
CA THR B 139 -23.21 -8.76 -10.37
C THR B 139 -23.86 -8.36 -9.03
N ASN B 140 -25.01 -8.94 -8.70
CA ASN B 140 -25.65 -8.67 -7.40
C ASN B 140 -24.85 -9.18 -6.23
N ILE B 141 -24.26 -10.36 -6.39
CA ILE B 141 -23.49 -10.96 -5.33
C ILE B 141 -22.48 -9.93 -4.85
N PHE B 142 -21.77 -9.34 -5.79
CA PHE B 142 -20.78 -8.31 -5.48
C PHE B 142 -21.43 -7.12 -4.80
N ARG B 143 -22.37 -6.46 -5.48
CA ARG B 143 -23.04 -5.31 -4.89
C ARG B 143 -23.46 -5.63 -3.46
N ASP B 144 -24.14 -6.76 -3.28
CA ASP B 144 -24.61 -7.20 -1.96
C ASP B 144 -23.47 -7.25 -0.94
N LEU B 145 -22.42 -8.00 -1.24
CA LEU B 145 -21.29 -8.05 -0.34
C LEU B 145 -20.73 -6.68 0.00
N ALA B 146 -20.41 -5.92 -1.02
CA ALA B 146 -19.89 -4.58 -0.82
C ALA B 146 -20.79 -3.80 0.13
N THR B 147 -22.10 -3.85 -0.08
CA THR B 147 -23.03 -3.09 0.76
C THR B 147 -22.95 -3.56 2.22
N GLU B 148 -22.70 -4.85 2.41
CA GLU B 148 -22.52 -5.41 3.75
C GLU B 148 -21.31 -4.83 4.48
N ILE B 149 -20.31 -4.38 3.72
CA ILE B 149 -19.12 -3.72 4.29
C ILE B 149 -19.36 -2.25 4.52
N VAL B 150 -19.96 -1.58 3.55
CA VAL B 150 -20.02 -0.12 3.52
C VAL B 150 -21.44 0.45 3.63
N GLY B 151 -22.44 -0.42 3.63
CA GLY B 151 -23.84 -0.02 3.81
C GLY B 151 -24.55 0.37 2.53
N ASP B 152 -25.44 1.33 2.63
CA ASP B 152 -26.07 1.90 1.44
C ASP B 152 -25.18 3.05 1.01
N ASP B 153 -24.33 2.80 0.01
CA ASP B 153 -23.28 3.70 -0.38
C ASP B 153 -23.05 3.49 -1.87
N PRO B 154 -22.91 4.57 -2.66
CA PRO B 154 -22.67 4.36 -4.10
C PRO B 154 -21.43 3.50 -4.42
N ARG B 155 -20.48 3.46 -3.50
CA ARG B 155 -19.27 2.67 -3.70
C ARG B 155 -19.50 1.18 -3.80
N ALA B 156 -20.69 0.72 -3.45
CA ALA B 156 -20.99 -0.69 -3.57
C ALA B 156 -20.86 -1.19 -5.01
N GLU B 157 -20.96 -0.28 -5.98
CA GLU B 157 -20.81 -0.65 -7.38
C GLU B 157 -19.37 -0.95 -7.81
N LEU B 158 -18.40 -0.36 -7.14
CA LEU B 158 -17.01 -0.38 -7.57
C LEU B 158 -16.35 -1.76 -7.68
N PRO B 159 -16.46 -2.60 -6.64
CA PRO B 159 -15.71 -3.84 -6.68
C PRO B 159 -15.96 -4.67 -7.91
N PHE B 160 -17.23 -4.81 -8.32
CA PHE B 160 -17.47 -5.48 -9.58
C PHE B 160 -16.67 -4.90 -10.73
N HIS B 161 -16.75 -3.58 -10.91
CA HIS B 161 -16.08 -2.93 -12.06
C HIS B 161 -14.58 -2.98 -11.98
N ILE B 162 -14.07 -2.86 -10.76
CA ILE B 162 -12.64 -3.04 -10.54
C ILE B 162 -12.24 -4.44 -10.97
N THR B 163 -13.03 -5.44 -10.54
CA THR B 163 -12.78 -6.82 -10.95
C THR B 163 -12.72 -6.94 -12.46
N MET B 164 -13.73 -6.42 -13.13
CA MET B 164 -13.82 -6.63 -14.57
C MET B 164 -12.69 -5.98 -15.37
N SER B 165 -12.06 -4.96 -14.81
CA SER B 165 -10.96 -4.28 -15.50
C SER B 165 -9.82 -5.20 -15.96
N VAL B 166 -9.67 -6.36 -15.34
CA VAL B 166 -8.65 -7.32 -15.81
C VAL B 166 -8.78 -7.64 -17.30
N ILE B 167 -9.99 -7.56 -17.84
CA ILE B 167 -10.21 -7.66 -19.27
C ILE B 167 -9.34 -6.70 -20.13
N GLU B 168 -9.02 -5.53 -19.62
CA GLU B 168 -8.13 -4.65 -20.35
C GLU B 168 -6.67 -4.97 -20.11
N MET B 169 -6.38 -5.70 -19.06
CA MET B 169 -4.99 -5.85 -18.61
C MET B 169 -4.42 -7.20 -19.03
N ARG B 170 -5.11 -7.87 -19.92
CA ARG B 170 -4.83 -9.27 -20.24
C ARG B 170 -4.39 -9.32 -21.68
N ARG B 171 -3.60 -10.32 -22.04
CA ARG B 171 -3.33 -10.62 -23.46
C ARG B 171 -4.52 -11.33 -24.09
N ASN B 172 -4.50 -11.46 -25.41
CA ASN B 172 -5.55 -12.19 -26.14
C ASN B 172 -5.02 -12.65 -27.45
N ASP B 173 -3.87 -13.33 -27.37
CA ASP B 173 -3.16 -13.84 -28.54
C ASP B 173 -3.13 -15.36 -28.57
N GLY B 174 -3.82 -16.03 -27.65
CA GLY B 174 -3.83 -17.49 -27.64
C GLY B 174 -3.10 -18.09 -26.46
N LYS B 175 -1.96 -17.52 -26.08
CA LYS B 175 -1.25 -17.91 -24.83
C LYS B 175 -2.09 -17.54 -23.59
N ILE B 176 -2.15 -18.46 -22.63
CA ILE B 176 -2.85 -18.19 -21.39
C ILE B 176 -1.99 -17.24 -20.56
N PRO B 177 -2.60 -16.20 -19.99
CA PRO B 177 -1.76 -15.28 -19.23
C PRO B 177 -1.29 -15.90 -17.92
N SER B 178 -2.21 -16.45 -17.13
CA SER B 178 -1.85 -17.09 -15.86
C SER B 178 -2.66 -18.36 -15.64
N PRO B 179 -2.06 -19.51 -16.00
CA PRO B 179 -2.62 -20.85 -15.84
C PRO B 179 -3.01 -21.10 -14.42
N LEU B 180 -4.03 -21.95 -14.22
CA LEU B 180 -4.57 -22.16 -12.90
C LEU B 180 -3.56 -22.87 -12.03
N SER B 181 -3.67 -22.68 -10.73
CA SER B 181 -2.79 -23.33 -9.78
C SER B 181 -3.49 -23.40 -8.45
N ALA B 182 -3.08 -24.31 -7.56
CA ALA B 182 -3.76 -24.40 -6.28
C ALA B 182 -2.88 -23.89 -5.15
N ASP B 183 -1.68 -23.43 -5.47
CA ASP B 183 -0.80 -22.77 -4.51
C ASP B 183 -0.37 -21.33 -4.92
N SER B 184 -1.16 -20.68 -5.77
CA SER B 184 -0.81 -19.38 -6.37
C SER B 184 -2.05 -18.62 -6.79
N LEU B 185 -2.02 -17.32 -6.57
CA LEU B 185 -2.91 -16.38 -7.24
C LEU B 185 -2.03 -15.49 -8.11
N PRO B 186 -2.47 -15.18 -9.34
CA PRO B 186 -1.65 -14.29 -10.15
C PRO B 186 -1.60 -12.91 -9.51
N GLU B 187 -0.53 -12.17 -9.76
CA GLU B 187 -0.32 -10.88 -9.06
C GLU B 187 -1.54 -9.96 -9.29
N THR B 188 -2.05 -9.95 -10.53
CA THR B 188 -3.20 -9.15 -10.91
C THR B 188 -4.45 -9.41 -10.06
N ALA B 189 -4.72 -10.66 -9.77
CA ALA B 189 -5.90 -10.94 -8.97
C ALA B 189 -5.67 -10.39 -7.57
N ILE B 190 -4.46 -10.47 -7.07
CA ILE B 190 -4.23 -9.95 -5.72
C ILE B 190 -4.45 -8.45 -5.75
N MET B 191 -3.80 -7.79 -6.70
CA MET B 191 -3.92 -6.33 -6.84
C MET B 191 -5.36 -5.85 -6.86
N LEU B 192 -6.14 -6.43 -7.77
CA LEU B 192 -7.51 -6.02 -7.92
C LEU B 192 -8.34 -6.30 -6.67
N ALA B 193 -8.08 -7.41 -6.02
CA ALA B 193 -8.80 -7.69 -4.79
C ALA B 193 -8.41 -6.69 -3.75
N ASP B 194 -7.11 -6.39 -3.64
CA ASP B 194 -6.68 -5.38 -2.68
C ASP B 194 -7.35 -4.03 -2.99
N ALA B 195 -7.35 -3.66 -4.27
CA ALA B 195 -7.99 -2.42 -4.71
C ALA B 195 -9.43 -2.36 -4.29
N SER B 196 -10.17 -3.41 -4.61
CA SER B 196 -11.60 -3.46 -4.29
C SER B 196 -11.87 -3.18 -2.83
N LEU B 197 -11.08 -3.76 -1.94
CA LEU B 197 -11.23 -3.48 -0.51
C LEU B 197 -10.78 -2.06 -0.19
N ALA B 198 -9.70 -1.64 -0.84
CA ALA B 198 -9.19 -0.28 -0.63
C ALA B 198 -10.27 0.76 -0.87
N VAL B 199 -10.99 0.64 -1.98
CA VAL B 199 -11.95 1.67 -2.34
C VAL B 199 -13.11 1.76 -1.37
N LEU B 200 -13.37 0.68 -0.65
CA LEU B 200 -14.45 0.62 0.33
C LEU B 200 -13.98 0.98 1.72
N GLY B 201 -12.70 1.32 1.86
CA GLY B 201 -12.16 1.72 3.15
C GLY B 201 -12.26 0.57 4.13
N ALA B 202 -11.91 -0.61 3.65
CA ALA B 202 -11.98 -1.81 4.47
C ALA B 202 -10.56 -2.27 4.79
N SER B 203 -10.42 -2.88 5.95
CA SER B 203 -9.14 -3.42 6.37
C SER B 203 -8.86 -4.68 5.56
N LEU B 204 -7.60 -4.88 5.19
CA LEU B 204 -7.16 -6.12 4.52
C LEU B 204 -6.98 -7.36 5.46
N PRO B 205 -7.59 -8.51 5.12
CA PRO B 205 -7.27 -9.69 5.93
C PRO B 205 -5.81 -10.02 5.78
N ALA B 206 -5.19 -10.46 6.88
CA ALA B 206 -3.72 -10.61 6.95
C ALA B 206 -3.24 -11.78 6.18
N ASP B 207 -4.09 -12.82 6.09
CA ASP B 207 -3.75 -14.04 5.37
C ASP B 207 -4.70 -14.30 4.21
N ARG B 208 -5.10 -13.21 3.55
CA ARG B 208 -6.19 -13.29 2.58
C ARG B 208 -5.83 -14.19 1.39
N VAL B 209 -4.56 -14.19 0.97
CA VAL B 209 -4.18 -15.03 -0.16
C VAL B 209 -4.43 -16.49 0.18
N GLU B 210 -3.75 -16.98 1.20
CA GLU B 210 -3.81 -18.39 1.53
C GLU B 210 -5.20 -18.84 1.97
N LYS B 211 -5.93 -18.01 2.69
CA LYS B 211 -7.32 -18.38 3.01
C LYS B 211 -8.09 -18.60 1.73
N THR B 212 -7.87 -17.74 0.73
CA THR B 212 -8.57 -17.83 -0.54
C THR B 212 -8.18 -19.10 -1.31
N LEU B 213 -6.88 -19.38 -1.40
CA LEU B 213 -6.41 -20.61 -2.01
C LEU B 213 -7.04 -21.86 -1.38
N GLU B 214 -7.30 -21.79 -0.07
CA GLU B 214 -7.99 -22.84 0.66
C GLU B 214 -9.45 -22.97 0.26
N LEU B 215 -10.24 -21.89 0.32
CA LEU B 215 -11.67 -21.96 -0.06
C LEU B 215 -11.86 -22.42 -1.52
N ILE B 216 -10.82 -22.25 -2.36
CA ILE B 216 -10.84 -22.81 -3.70
C ILE B 216 -10.76 -24.32 -3.64
N LYS B 217 -9.69 -24.84 -3.02
CA LYS B 217 -9.48 -26.30 -2.84
C LYS B 217 -10.73 -26.95 -2.24
N GLN B 218 -11.19 -26.39 -1.15
CA GLN B 218 -12.40 -26.82 -0.50
C GLN B 218 -13.59 -26.79 -1.47
N ALA B 219 -13.80 -25.67 -2.17
CA ALA B 219 -14.92 -25.55 -3.13
C ALA B 219 -14.74 -26.38 -4.43
N ASP B 220 -13.54 -26.90 -4.67
CA ASP B 220 -13.28 -27.75 -5.84
C ASP B 220 -13.83 -29.15 -5.69
N ALA B 221 -13.77 -29.66 -4.46
CA ALA B 221 -14.19 -31.01 -4.16
C ALA B 221 -15.38 -30.99 -3.18
N VAL C 5 26.96 43.40 29.23
CA VAL C 5 26.52 43.63 30.66
C VAL C 5 27.21 42.74 31.72
N GLY C 6 28.42 42.27 31.45
CA GLY C 6 29.19 41.46 32.42
C GLY C 6 30.60 41.13 31.91
N ARG C 7 31.37 40.33 32.65
CA ARG C 7 32.75 40.06 32.23
C ARG C 7 32.80 39.38 30.87
N PRO C 8 33.67 39.86 29.96
CA PRO C 8 33.81 39.26 28.62
C PRO C 8 34.31 37.84 28.63
N ARG C 9 33.84 37.05 27.66
CA ARG C 9 34.31 35.65 27.47
C ARG C 9 35.67 35.64 26.80
N ARG C 10 36.36 34.51 26.92
CA ARG C 10 37.64 34.32 26.24
C ARG C 10 37.43 34.20 24.72
N SER C 11 36.35 33.55 24.29
CA SER C 11 36.01 33.37 22.86
C SER C 11 34.59 33.84 22.52
N ALA C 12 34.37 34.09 21.23
CA ALA C 12 33.08 34.55 20.73
C ALA C 12 32.07 33.41 20.80
N PRO C 13 30.84 33.69 21.26
CA PRO C 13 29.80 32.66 21.37
C PRO C 13 29.63 31.92 20.04
N ARG C 14 29.55 30.58 20.09
CA ARG C 14 29.54 29.72 18.89
C ARG C 14 28.20 29.03 18.61
N ARG C 15 27.32 28.99 19.61
CA ARG C 15 26.05 28.28 19.49
C ARG C 15 24.94 29.23 19.14
N ALA C 16 23.76 28.69 18.89
CA ALA C 16 22.57 29.48 18.61
C ALA C 16 21.66 29.51 19.84
N GLY C 17 21.37 30.70 20.35
CA GLY C 17 20.30 30.86 21.35
C GLY C 17 20.05 32.30 21.76
N LYS C 18 18.83 32.58 22.23
CA LYS C 18 18.49 33.91 22.76
C LYS C 18 19.50 34.27 23.83
N ASN C 19 19.51 33.48 24.89
CA ASN C 19 20.33 33.75 26.04
C ASN C 19 21.37 32.64 26.20
N PRO C 20 22.38 32.83 27.06
CA PRO C 20 23.46 31.85 27.15
C PRO C 20 22.95 30.46 27.58
N ARG C 21 22.01 30.40 28.52
CA ARG C 21 21.39 29.13 28.91
C ARG C 21 20.90 28.33 27.70
N GLU C 22 20.16 28.97 26.81
CA GLU C 22 19.71 28.31 25.58
C GLU C 22 20.89 27.89 24.73
N GLU C 23 21.94 28.71 24.76
CA GLU C 23 23.16 28.46 24.02
C GLU C 23 23.85 27.16 24.50
N ILE C 24 23.86 26.94 25.81
CA ILE C 24 24.46 25.73 26.35
C ILE C 24 23.54 24.55 26.07
N LEU C 25 22.22 24.72 26.21
CA LEU C 25 21.28 23.66 25.92
C LEU C 25 21.42 23.19 24.47
N ASP C 26 21.62 24.14 23.56
CA ASP C 26 21.87 23.76 22.18
C ASP C 26 23.13 22.91 22.13
N ALA C 27 24.19 23.32 22.82
CA ALA C 27 25.46 22.54 22.87
C ALA C 27 25.28 21.13 23.41
N SER C 28 24.63 21.03 24.57
CA SER C 28 24.49 19.77 25.26
C SER C 28 23.58 18.82 24.49
N ALA C 29 22.47 19.31 23.97
CA ALA C 29 21.66 18.49 23.03
C ALA C 29 22.51 17.85 21.92
N GLU C 30 23.45 18.55 21.32
CA GLU C 30 24.27 17.94 20.26
C GLU C 30 25.14 16.80 20.78
N LEU C 31 25.84 17.03 21.90
CA LEU C 31 26.70 16.03 22.50
C LEU C 31 25.91 14.89 23.16
N PHE C 32 24.98 15.23 24.06
CA PHE C 32 24.12 14.19 24.65
C PHE C 32 23.41 13.26 23.66
N THR C 33 23.07 13.72 22.46
CA THR C 33 22.46 12.83 21.48
C THR C 33 23.46 12.11 20.56
N HIS C 34 24.75 12.36 20.72
CA HIS C 34 25.77 11.60 19.98
C HIS C 34 26.51 10.62 20.89
N GLN C 35 26.90 11.10 22.05
CA GLN C 35 27.75 10.35 22.97
C GLN C 35 26.98 9.92 24.20
N GLY C 36 25.79 10.47 24.40
CA GLY C 36 25.03 10.19 25.62
C GLY C 36 25.54 11.00 26.78
N PHE C 37 24.82 10.88 27.90
CA PHE C 37 25.00 11.71 29.08
C PHE C 37 26.39 11.62 29.71
N ALA C 38 26.73 10.43 30.19
CA ALA C 38 27.86 10.24 31.09
C ALA C 38 29.21 10.32 30.40
N THR C 39 29.27 9.97 29.12
CA THR C 39 30.51 10.13 28.35
C THR C 39 30.87 11.61 28.16
N THR C 40 29.85 12.46 28.29
CA THR C 40 29.94 13.88 27.95
C THR C 40 30.25 14.70 29.19
N SER C 41 31.47 15.25 29.23
CA SER C 41 31.92 16.09 30.36
C SER C 41 31.51 17.54 30.18
N THR C 42 31.29 18.20 31.30
CA THR C 42 31.05 19.64 31.32
C THR C 42 32.15 20.39 30.56
N HIS C 43 33.36 19.87 30.61
CA HIS C 43 34.44 20.46 29.86
C HIS C 43 34.19 20.46 28.35
N GLN C 44 33.50 19.44 27.82
CA GLN C 44 33.26 19.36 26.37
C GLN C 44 32.10 20.26 26.01
N ILE C 45 31.11 20.32 26.91
CA ILE C 45 29.99 21.22 26.75
C ILE C 45 30.49 22.66 26.70
N ALA C 46 31.27 23.03 27.74
CA ALA C 46 31.81 24.38 27.88
C ALA C 46 32.61 24.71 26.64
N ASP C 47 33.55 23.84 26.32
CA ASP C 47 34.35 23.97 25.13
C ASP C 47 33.48 24.31 23.91
N ALA C 48 32.35 23.64 23.75
CA ALA C 48 31.54 23.75 22.52
C ALA C 48 30.66 24.99 22.46
N VAL C 49 30.36 25.57 23.62
CA VAL C 49 29.70 26.89 23.71
C VAL C 49 30.67 28.01 23.37
N GLY C 50 31.92 27.85 23.79
CA GLY C 50 32.96 28.88 23.70
C GLY C 50 33.41 29.39 25.07
N ILE C 51 33.15 28.60 26.11
CA ILE C 51 33.23 29.07 27.50
C ILE C 51 34.17 28.19 28.32
N ARG C 52 34.63 28.71 29.44
CA ARG C 52 35.35 27.93 30.43
C ARG C 52 34.34 27.15 31.26
N GLN C 53 34.73 25.93 31.61
CA GLN C 53 33.88 24.98 32.30
C GLN C 53 33.17 25.54 33.55
N ALA C 54 33.91 26.20 34.40
CA ALA C 54 33.33 26.67 35.66
C ALA C 54 32.05 27.51 35.43
N SER C 55 32.09 28.35 34.39
CA SER C 55 31.02 29.31 34.10
C SER C 55 29.62 28.71 34.03
N LEU C 56 29.54 27.54 33.41
CA LEU C 56 28.26 26.80 33.30
C LEU C 56 27.46 26.78 34.59
N TYR C 57 28.17 26.72 35.72
CA TYR C 57 27.53 26.46 37.00
C TYR C 57 26.77 27.64 37.52
N TYR C 58 27.03 28.81 36.93
CA TYR C 58 26.25 30.02 37.20
C TYR C 58 24.79 29.83 36.81
N HIS C 59 24.58 29.33 35.59
CA HIS C 59 23.25 29.13 35.00
C HIS C 59 22.54 27.88 35.47
N PHE C 60 23.29 26.77 35.61
CA PHE C 60 22.72 25.49 36.02
C PHE C 60 23.41 24.90 37.24
N PRO C 61 22.66 24.33 38.18
CA PRO C 61 23.27 23.68 39.36
C PRO C 61 24.25 22.53 39.06
N SER C 62 23.89 21.67 38.10
CA SER C 62 24.65 20.44 37.81
C SER C 62 24.45 19.94 36.39
N LYS C 63 25.36 19.08 35.95
CA LYS C 63 25.20 18.42 34.66
C LYS C 63 23.85 17.71 34.56
N THR C 64 23.38 17.17 35.68
CA THR C 64 22.08 16.54 35.77
C THR C 64 20.94 17.47 35.36
N GLU C 65 20.96 18.70 35.89
CA GLU C 65 19.88 19.63 35.63
C GLU C 65 19.81 20.04 34.15
N ILE C 66 20.96 20.21 33.51
CA ILE C 66 20.97 20.48 32.06
C ILE C 66 20.12 19.39 31.38
N PHE C 67 20.66 18.16 31.41
CA PHE C 67 20.03 17.00 30.80
C PHE C 67 18.56 16.98 31.18
N LEU C 68 18.30 17.13 32.47
CA LEU C 68 16.93 17.03 32.92
C LEU C 68 16.02 18.08 32.29
N THR C 69 16.49 19.31 32.09
CA THR C 69 15.63 20.32 31.43
C THR C 69 15.41 20.00 29.95
N LEU C 70 16.45 19.56 29.24
CA LEU C 70 16.26 19.10 27.83
C LEU C 70 15.13 18.05 27.74
N LEU C 71 15.08 17.16 28.71
CA LEU C 71 14.06 16.15 28.72
C LEU C 71 12.69 16.79 28.90
N LYS C 72 12.51 17.54 29.98
CA LYS C 72 11.21 18.16 30.29
C LYS C 72 10.69 18.94 29.07
N SER C 73 11.63 19.47 28.28
CA SER C 73 11.32 20.25 27.09
C SER C 73 10.78 19.45 25.90
N THR C 74 11.22 18.22 25.76
CA THR C 74 10.80 17.40 24.61
C THR C 74 9.60 16.51 24.96
N VAL C 75 9.55 16.05 26.20
CA VAL C 75 8.43 15.24 26.68
C VAL C 75 7.16 16.05 26.84
N GLU C 76 7.27 17.21 27.49
CA GLU C 76 6.09 18.01 27.84
C GLU C 76 5.17 18.33 26.63
N PRO C 77 5.74 18.81 25.50
CA PRO C 77 4.91 19.10 24.31
C PRO C 77 4.20 17.86 23.74
N SER C 78 4.97 16.79 23.61
CA SER C 78 4.47 15.53 23.10
C SER C 78 3.33 14.98 23.97
N THR C 79 3.47 15.07 25.29
CA THR C 79 2.42 14.58 26.20
C THR C 79 1.23 15.50 26.13
N VAL C 80 1.48 16.79 25.96
CA VAL C 80 0.39 17.73 25.97
C VAL C 80 -0.51 17.50 24.77
N LEU C 81 0.05 17.42 23.56
CA LEU C 81 -0.83 17.29 22.37
C LEU C 81 -1.56 15.97 22.31
N ALA C 82 -0.90 14.90 22.74
CA ALA C 82 -1.48 13.57 22.68
C ALA C 82 -2.74 13.48 23.51
N GLU C 83 -2.72 14.06 24.70
CA GLU C 83 -3.89 14.01 25.58
C GLU C 83 -5.10 14.75 25.00
N ASP C 84 -4.84 15.79 24.20
CA ASP C 84 -5.90 16.58 23.56
C ASP C 84 -6.54 15.80 22.42
N LEU C 85 -5.71 15.28 21.52
CA LEU C 85 -6.19 14.49 20.40
C LEU C 85 -6.88 13.23 20.91
N SER C 86 -6.35 12.67 21.98
CA SER C 86 -6.86 11.43 22.56
C SER C 86 -8.35 11.48 22.92
N ILE C 87 -8.86 12.68 23.17
CA ILE C 87 -10.26 12.86 23.62
C ILE C 87 -11.19 13.34 22.52
N LEU C 88 -10.64 13.97 21.48
CA LEU C 88 -11.43 14.56 20.40
C LEU C 88 -12.46 13.60 19.82
N ASP C 89 -13.47 14.16 19.16
CA ASP C 89 -14.65 13.42 18.71
C ASP C 89 -14.40 12.83 17.32
N ALA C 90 -13.68 11.72 17.30
CA ALA C 90 -13.33 11.03 16.07
C ALA C 90 -13.08 9.55 16.37
N GLY C 91 -13.01 8.74 15.32
CA GLY C 91 -12.79 7.31 15.49
C GLY C 91 -11.42 6.98 16.06
N PRO C 92 -11.26 5.77 16.64
CA PRO C 92 -9.99 5.27 17.13
C PRO C 92 -8.89 5.35 16.08
N GLU C 93 -9.20 4.88 14.89
CA GLU C 93 -8.20 4.86 13.83
C GLU C 93 -7.81 6.26 13.48
N MET C 94 -8.77 7.17 13.42
CA MET C 94 -8.45 8.53 13.04
C MET C 94 -7.60 9.19 14.09
N ARG C 95 -7.97 8.98 15.36
CA ARG C 95 -7.25 9.57 16.47
C ARG C 95 -5.84 9.03 16.56
N LEU C 96 -5.73 7.71 16.44
CA LEU C 96 -4.44 7.08 16.52
C LEU C 96 -3.53 7.54 15.40
N TRP C 97 -4.09 7.60 14.21
CA TRP C 97 -3.34 8.06 13.05
C TRP C 97 -2.80 9.45 13.30
N ALA C 98 -3.65 10.29 13.90
CA ALA C 98 -3.29 11.66 14.16
C ALA C 98 -2.15 11.78 15.14
N ILE C 99 -2.15 10.95 16.16
CA ILE C 99 -1.10 11.01 17.18
C ILE C 99 0.22 10.56 16.62
N VAL C 100 0.22 9.45 15.87
CA VAL C 100 1.46 8.94 15.31
C VAL C 100 2.03 10.02 14.39
N ALA C 101 1.17 10.55 13.51
CA ALA C 101 1.53 11.58 12.53
C ALA C 101 2.02 12.86 13.21
N SER C 102 1.26 13.31 14.22
CA SER C 102 1.62 14.48 15.03
C SER C 102 2.95 14.26 15.72
N GLU C 103 3.03 13.18 16.49
CA GLU C 103 4.21 12.88 17.28
C GLU C 103 5.48 12.75 16.44
N VAL C 104 5.35 12.12 15.28
CA VAL C 104 6.50 11.96 14.39
C VAL C 104 6.95 13.31 13.87
N ARG C 105 5.96 14.16 13.59
CA ARG C 105 6.17 15.47 12.99
C ARG C 105 7.01 16.32 13.90
N LEU C 106 6.59 16.36 15.15
CA LEU C 106 7.27 17.06 16.22
C LEU C 106 8.74 16.65 16.32
N LEU C 107 9.02 15.34 16.33
CA LEU C 107 10.41 14.81 16.45
C LEU C 107 11.30 15.06 15.24
N LEU C 108 10.65 15.36 14.11
CA LEU C 108 11.35 15.80 12.91
C LEU C 108 11.53 17.32 12.85
N SER C 109 10.95 18.04 13.81
CA SER C 109 10.93 19.49 13.75
C SER C 109 12.14 20.16 14.41
N THR C 110 12.84 19.46 15.30
CA THR C 110 13.93 20.04 16.11
C THR C 110 15.29 19.97 15.44
N LYS C 111 16.21 20.85 15.80
CA LYS C 111 17.55 20.92 15.14
C LYS C 111 18.35 19.64 15.42
N TRP C 112 18.25 19.19 16.67
CA TRP C 112 18.92 18.00 17.15
C TRP C 112 17.92 16.89 17.44
N ASN C 113 18.41 15.65 17.31
CA ASN C 113 17.59 14.47 17.45
C ASN C 113 17.37 14.08 18.91
N VAL C 114 16.47 14.77 19.58
CA VAL C 114 16.26 14.58 21.01
C VAL C 114 15.56 13.28 21.36
N GLY C 115 14.97 12.63 20.36
CA GLY C 115 14.41 11.29 20.56
C GLY C 115 15.40 10.33 21.19
N ARG C 116 16.64 10.42 20.75
CA ARG C 116 17.72 9.64 21.30
C ARG C 116 17.78 9.77 22.82
N LEU C 117 17.42 10.90 23.35
CA LEU C 117 17.46 11.11 24.78
C LEU C 117 16.54 10.15 25.48
N TYR C 118 15.41 9.85 24.86
CA TYR C 118 14.47 8.92 25.46
C TYR C 118 15.10 7.54 25.65
N GLN C 119 15.86 7.12 24.65
CA GLN C 119 16.51 5.82 24.61
C GLN C 119 17.59 5.64 25.68
N LEU C 120 18.42 6.65 25.87
CA LEU C 120 19.54 6.57 26.80
C LEU C 120 19.20 5.89 28.14
N PRO C 121 20.13 5.05 28.63
CA PRO C 121 19.92 4.30 29.88
C PRO C 121 19.84 5.18 31.12
N ILE C 122 20.74 6.16 31.21
CA ILE C 122 20.96 6.95 32.43
C ILE C 122 19.67 7.40 33.16
N VAL C 123 18.57 7.44 32.40
CA VAL C 123 17.24 7.80 32.89
C VAL C 123 16.79 7.08 34.17
N GLY C 124 17.39 5.94 34.51
CA GLY C 124 17.03 5.18 35.71
C GLY C 124 17.06 5.89 37.07
N SER C 125 17.99 6.82 37.28
CA SER C 125 18.24 7.39 38.63
C SER C 125 17.03 8.02 39.38
N GLU C 126 17.08 7.97 40.71
CA GLU C 126 16.01 8.47 41.60
C GLU C 126 15.46 9.86 41.25
N GLU C 127 16.32 10.76 40.75
CA GLU C 127 15.92 12.15 40.40
C GLU C 127 14.99 12.29 39.17
N PHE C 128 14.91 11.26 38.33
CA PHE C 128 14.11 11.28 37.09
C PHE C 128 12.68 10.80 37.25
N ALA C 129 12.25 10.52 38.47
CA ALA C 129 10.94 9.91 38.71
C ALA C 129 9.77 10.72 38.11
N GLU C 130 9.84 12.04 38.25
CA GLU C 130 8.82 12.95 37.70
C GLU C 130 8.66 12.70 36.21
N TYR C 131 9.80 12.73 35.51
CA TYR C 131 9.84 12.46 34.08
C TYR C 131 9.37 11.03 33.72
N HIS C 132 9.81 10.03 34.48
CA HIS C 132 9.58 8.63 34.10
C HIS C 132 8.09 8.38 33.93
N SER C 133 7.31 8.84 34.89
CA SER C 133 5.85 8.65 34.85
C SER C 133 5.25 9.40 33.65
N GLN C 134 5.78 10.59 33.37
CA GLN C 134 5.39 11.37 32.20
C GLN C 134 5.57 10.58 30.90
N ARG C 135 6.71 9.90 30.80
CA ARG C 135 7.04 9.13 29.60
C ARG C 135 6.21 7.84 29.52
N GLU C 136 5.94 7.26 30.68
CA GLU C 136 5.07 6.10 30.77
C GLU C 136 3.65 6.49 30.33
N ALA C 137 3.23 7.69 30.69
CA ALA C 137 1.87 8.19 30.45
C ALA C 137 1.61 8.47 28.97
N LEU C 138 2.59 9.09 28.32
CA LEU C 138 2.54 9.30 26.87
C LEU C 138 2.42 7.95 26.18
N THR C 139 3.36 7.07 26.50
CA THR C 139 3.35 5.70 25.98
C THR C 139 2.02 5.03 26.21
N ASN C 140 1.47 5.21 27.40
CA ASN C 140 0.24 4.53 27.80
C ASN C 140 -0.93 4.90 26.91
N ILE C 141 -0.96 6.14 26.44
CA ILE C 141 -2.04 6.62 25.58
C ILE C 141 -2.15 5.76 24.33
N PHE C 142 -1.02 5.57 23.65
CA PHE C 142 -1.00 4.87 22.37
C PHE C 142 -1.57 3.47 22.57
N ARG C 143 -1.06 2.76 23.57
CA ARG C 143 -1.56 1.43 23.88
C ARG C 143 -3.09 1.40 24.04
N ASP C 144 -3.63 2.42 24.72
CA ASP C 144 -5.06 2.46 25.00
C ASP C 144 -5.90 2.74 23.75
N LEU C 145 -5.40 3.60 22.88
CA LEU C 145 -6.01 3.81 21.56
C LEU C 145 -5.98 2.55 20.72
N ALA C 146 -4.82 1.92 20.67
CA ALA C 146 -4.65 0.73 19.90
C ALA C 146 -5.60 -0.34 20.40
N THR C 147 -5.73 -0.49 21.72
CA THR C 147 -6.59 -1.55 22.23
C THR C 147 -8.03 -1.25 21.85
N GLU C 148 -8.35 0.04 21.81
CA GLU C 148 -9.66 0.51 21.36
C GLU C 148 -10.01 -0.06 19.98
N ILE C 149 -8.97 -0.32 19.18
CA ILE C 149 -9.12 -0.95 17.87
C ILE C 149 -9.03 -2.48 17.91
N VAL C 150 -7.88 -3.02 18.31
CA VAL C 150 -7.64 -4.49 18.26
C VAL C 150 -7.99 -5.26 19.54
N GLY C 151 -8.51 -4.57 20.55
CA GLY C 151 -8.82 -5.23 21.81
C GLY C 151 -7.59 -5.69 22.57
N ASP C 152 -7.69 -6.86 23.21
CA ASP C 152 -6.63 -7.34 24.09
C ASP C 152 -5.67 -8.16 23.25
N ASP C 153 -4.73 -7.45 22.64
CA ASP C 153 -3.87 -8.00 21.62
C ASP C 153 -2.46 -7.46 21.83
N PRO C 154 -1.46 -8.35 21.82
CA PRO C 154 -0.05 -7.91 21.90
C PRO C 154 0.29 -6.76 20.96
N ARG C 155 -0.41 -6.68 19.83
CA ARG C 155 -0.15 -5.67 18.83
C ARG C 155 -0.38 -4.25 19.31
N ALA C 156 -1.27 -4.09 20.28
CA ALA C 156 -1.47 -2.79 20.88
C ALA C 156 -0.14 -2.08 21.18
N GLU C 157 0.91 -2.84 21.50
CA GLU C 157 2.20 -2.23 21.81
C GLU C 157 2.84 -1.49 20.64
N LEU C 158 2.63 -2.01 19.43
CA LEU C 158 3.43 -1.66 18.27
C LEU C 158 3.38 -0.24 17.74
N PRO C 159 2.20 0.37 17.69
CA PRO C 159 2.14 1.72 17.15
C PRO C 159 3.14 2.66 17.81
N PHE C 160 3.25 2.58 19.13
CA PHE C 160 4.23 3.39 19.80
C PHE C 160 5.67 3.19 19.27
N HIS C 161 6.11 1.95 19.10
CA HIS C 161 7.51 1.68 18.70
C HIS C 161 7.75 1.99 17.24
N ILE C 162 6.71 1.76 16.44
CA ILE C 162 6.72 2.22 15.06
C ILE C 162 6.93 3.74 15.05
N THR C 163 6.14 4.47 15.84
CA THR C 163 6.33 5.91 16.01
C THR C 163 7.79 6.31 16.34
N MET C 164 8.38 5.65 17.33
CA MET C 164 9.70 6.06 17.81
C MET C 164 10.80 5.72 16.83
N SER C 165 10.52 4.80 15.90
CA SER C 165 11.49 4.41 14.89
C SER C 165 12.06 5.59 14.09
N VAL C 166 11.31 6.69 14.01
CA VAL C 166 11.76 7.88 13.28
C VAL C 166 13.11 8.38 13.73
N ILE C 167 13.42 8.14 15.00
CA ILE C 167 14.72 8.48 15.56
C ILE C 167 15.90 7.87 14.78
N GLU C 168 15.70 6.71 14.17
CA GLU C 168 16.76 6.12 13.36
C GLU C 168 16.77 6.61 11.92
N MET C 169 15.74 7.34 11.51
CA MET C 169 15.59 7.72 10.10
C MET C 169 15.87 9.22 9.89
N ARG C 170 16.36 9.87 10.93
CA ARG C 170 16.47 11.31 11.01
C ARG C 170 17.93 11.68 10.87
N ARG C 171 18.23 12.85 10.34
CA ARG C 171 19.58 13.41 10.43
C ARG C 171 19.80 13.91 11.85
N ASN C 172 21.06 14.13 12.22
CA ASN C 172 21.37 14.79 13.49
C ASN C 172 22.68 15.57 13.40
N ASP C 173 22.66 16.57 12.54
CA ASP C 173 23.82 17.42 12.28
C ASP C 173 23.53 18.90 12.56
N GLY C 174 22.33 19.20 13.07
CA GLY C 174 21.94 20.57 13.40
C GLY C 174 20.87 21.15 12.48
N LYS C 175 20.89 20.77 11.20
CA LYS C 175 19.84 21.20 10.25
C LYS C 175 18.55 20.44 10.54
N ILE C 176 17.45 21.17 10.68
CA ILE C 176 16.14 20.56 10.87
C ILE C 176 15.83 19.68 9.65
N PRO C 177 15.32 18.45 9.88
CA PRO C 177 14.96 17.62 8.74
C PRO C 177 13.64 18.01 8.12
N SER C 178 12.65 18.40 8.93
CA SER C 178 11.35 18.81 8.41
C SER C 178 10.65 19.85 9.28
N PRO C 179 10.91 21.15 8.99
CA PRO C 179 10.38 22.32 9.70
C PRO C 179 8.91 22.32 9.60
N LEU C 180 8.24 22.80 10.65
CA LEU C 180 6.84 22.48 10.81
C LEU C 180 5.92 23.51 10.16
N SER C 181 5.01 23.01 9.31
CA SER C 181 4.03 23.81 8.56
C SER C 181 2.62 23.45 9.03
N ALA C 182 1.64 24.33 8.81
CA ALA C 182 0.24 23.97 9.13
C ALA C 182 -0.50 23.49 7.88
N ASP C 183 0.17 23.51 6.72
CA ASP C 183 -0.36 22.99 5.44
C ASP C 183 -0.12 21.51 5.25
N SER C 184 1.10 21.06 5.52
CA SER C 184 1.56 19.75 5.11
C SER C 184 2.28 19.01 6.22
N LEU C 185 2.00 17.72 6.32
CA LEU C 185 2.76 16.77 7.14
C LEU C 185 3.92 16.23 6.28
N PRO C 186 4.99 15.78 6.95
CA PRO C 186 6.15 15.22 6.21
C PRO C 186 5.92 13.76 5.78
N GLU C 187 6.56 13.35 4.69
CA GLU C 187 6.32 12.00 4.12
C GLU C 187 6.46 10.93 5.19
N THR C 188 7.57 11.01 5.92
CA THR C 188 7.88 10.09 7.02
C THR C 188 6.77 9.99 8.05
N ALA C 189 6.19 11.10 8.44
CA ALA C 189 5.09 11.02 9.40
C ALA C 189 3.90 10.30 8.83
N ILE C 190 3.62 10.49 7.53
CA ILE C 190 2.48 9.82 6.93
C ILE C 190 2.76 8.33 6.97
N MET C 191 3.92 7.95 6.46
CA MET C 191 4.31 6.54 6.36
C MET C 191 4.13 5.78 7.67
N LEU C 192 4.77 6.29 8.72
CA LEU C 192 4.67 5.68 10.02
C LEU C 192 3.25 5.65 10.53
N ALA C 193 2.52 6.72 10.34
CA ALA C 193 1.12 6.72 10.75
C ALA C 193 0.36 5.64 9.99
N ASP C 194 0.59 5.55 8.68
CA ASP C 194 -0.02 4.50 7.86
C ASP C 194 0.44 3.10 8.33
N ALA C 195 1.73 2.97 8.61
CA ALA C 195 2.26 1.71 9.08
C ALA C 195 1.57 1.24 10.36
N SER C 196 1.43 2.14 11.32
CA SER C 196 0.83 1.78 12.59
C SER C 196 -0.59 1.29 12.42
N LEU C 197 -1.29 1.74 11.39
CA LEU C 197 -2.64 1.24 11.20
C LEU C 197 -2.62 -0.10 10.53
N ALA C 198 -1.72 -0.28 9.57
CA ALA C 198 -1.61 -1.58 8.88
C ALA C 198 -1.44 -2.73 9.87
N VAL C 199 -0.48 -2.59 10.78
CA VAL C 199 -0.14 -3.66 11.68
C VAL C 199 -1.31 -4.06 12.56
N LEU C 200 -2.17 -3.09 12.90
CA LEU C 200 -3.39 -3.34 13.70
C LEU C 200 -4.52 -3.89 12.85
N GLY C 201 -4.30 -3.96 11.54
CA GLY C 201 -5.34 -4.38 10.64
C GLY C 201 -6.49 -3.40 10.52
N ALA C 202 -6.22 -2.12 10.69
CA ALA C 202 -7.24 -1.07 10.64
C ALA C 202 -7.32 -0.37 9.29
N SER C 203 -8.56 -0.04 8.92
CA SER C 203 -8.81 0.71 7.70
C SER C 203 -8.33 2.12 7.86
N LEU C 204 -7.77 2.67 6.77
CA LEU C 204 -7.25 4.04 6.76
C LEU C 204 -8.34 5.06 6.50
N PRO C 205 -8.46 6.07 7.36
CA PRO C 205 -9.33 7.17 7.00
C PRO C 205 -8.87 7.80 5.70
N ALA C 206 -9.81 8.23 4.85
CA ALA C 206 -9.50 8.69 3.48
C ALA C 206 -8.90 10.10 3.45
N ASP C 207 -9.30 10.94 4.40
CA ASP C 207 -8.80 12.29 4.40
C ASP C 207 -7.88 12.54 5.56
N ARG C 208 -7.15 11.51 5.97
CA ARG C 208 -6.42 11.55 7.24
C ARG C 208 -5.39 12.67 7.29
N VAL C 209 -4.72 12.98 6.17
CA VAL C 209 -3.71 14.04 6.21
C VAL C 209 -4.35 15.36 6.54
N GLU C 210 -5.37 15.72 5.77
CA GLU C 210 -5.99 17.03 5.93
C GLU C 210 -6.71 17.18 7.23
N LYS C 211 -7.39 16.12 7.66
CA LYS C 211 -8.12 16.16 8.92
C LYS C 211 -7.17 16.28 10.10
N THR C 212 -6.01 15.66 9.97
CA THR C 212 -5.01 15.72 11.03
C THR C 212 -4.51 17.16 11.19
N LEU C 213 -4.15 17.80 10.08
CA LEU C 213 -3.73 19.21 10.11
C LEU C 213 -4.85 20.10 10.70
N GLU C 214 -6.10 19.77 10.38
CA GLU C 214 -7.25 20.39 11.03
C GLU C 214 -7.11 20.26 12.55
N LEU C 215 -6.93 19.04 13.04
CA LEU C 215 -6.84 18.78 14.49
C LEU C 215 -5.62 19.48 15.14
N ILE C 216 -4.55 19.66 14.38
CA ILE C 216 -3.42 20.45 14.84
C ILE C 216 -3.86 21.90 15.06
N LYS C 217 -4.29 22.58 14.00
CA LYS C 217 -4.86 23.95 14.12
C LYS C 217 -5.86 24.05 15.29
N GLN C 218 -6.83 23.13 15.34
CA GLN C 218 -7.78 23.02 16.46
C GLN C 218 -7.10 23.05 17.83
N ALA C 219 -6.22 22.08 18.06
CA ALA C 219 -5.59 21.90 19.36
C ALA C 219 -4.56 23.00 19.64
N ASP C 220 -3.89 23.48 18.59
CA ASP C 220 -2.95 24.61 18.69
C ASP C 220 -3.62 25.85 19.30
N ALA C 221 -4.82 26.17 18.84
CA ALA C 221 -5.59 27.30 19.37
C ALA C 221 -5.93 27.15 20.86
N LYS C 222 -6.26 25.94 21.31
CA LYS C 222 -6.63 25.66 22.71
C LYS C 222 -5.43 25.68 23.68
N ALA D 4 40.53 -26.32 44.28
CA ALA D 4 40.39 -24.83 44.12
C ALA D 4 41.75 -24.14 44.21
N VAL D 5 42.50 -24.19 43.10
CA VAL D 5 43.80 -23.51 42.99
C VAL D 5 43.62 -22.02 43.27
N GLY D 6 44.63 -21.36 43.78
CA GLY D 6 44.60 -19.92 43.95
C GLY D 6 44.01 -19.43 45.26
N ARG D 7 44.40 -18.21 45.59
CA ARG D 7 44.03 -17.58 46.84
C ARG D 7 42.53 -17.43 46.96
N PRO D 8 41.98 -17.78 48.12
CA PRO D 8 40.56 -17.62 48.44
C PRO D 8 40.02 -16.21 48.18
N ARG D 9 38.81 -16.14 47.60
CA ARG D 9 38.11 -14.86 47.39
C ARG D 9 37.55 -14.31 48.68
N ARG D 10 37.30 -13.00 48.66
CA ARG D 10 36.89 -12.31 49.86
C ARG D 10 35.43 -12.59 50.19
N SER D 11 34.63 -12.91 49.15
CA SER D 11 33.21 -13.23 49.33
C SER D 11 32.84 -14.47 48.49
N ALA D 12 31.75 -15.12 48.89
CA ALA D 12 31.29 -16.35 48.25
C ALA D 12 30.76 -16.06 46.85
N PRO D 13 31.08 -16.94 45.86
CA PRO D 13 30.57 -16.79 44.48
C PRO D 13 29.08 -16.53 44.44
N ARG D 14 28.68 -15.56 43.61
CA ARG D 14 27.28 -15.12 43.56
C ARG D 14 26.63 -15.32 42.21
N ARG D 15 27.40 -15.69 41.19
CA ARG D 15 26.93 -15.57 39.81
C ARG D 15 26.97 -16.86 39.05
N ALA D 16 25.96 -17.07 38.20
CA ALA D 16 25.93 -18.24 37.31
C ALA D 16 27.14 -18.27 36.37
N GLY D 17 27.70 -19.45 36.15
CA GLY D 17 28.73 -19.64 35.11
C GLY D 17 29.72 -20.73 35.45
N LYS D 18 30.09 -21.53 34.44
CA LYS D 18 31.00 -22.67 34.63
C LYS D 18 32.32 -22.24 35.27
N ASN D 19 32.81 -21.07 34.90
CA ASN D 19 34.13 -20.62 35.29
C ASN D 19 34.12 -19.14 35.66
N PRO D 20 35.27 -18.56 36.05
CA PRO D 20 35.19 -17.18 36.55
C PRO D 20 34.92 -16.12 35.45
N ARG D 21 35.51 -16.27 34.28
CA ARG D 21 35.16 -15.40 33.16
C ARG D 21 33.65 -15.39 32.91
N GLU D 22 33.03 -16.54 32.77
CA GLU D 22 31.62 -16.59 32.51
C GLU D 22 30.78 -15.91 33.61
N GLU D 23 31.22 -15.97 34.85
CA GLU D 23 30.46 -15.30 35.92
C GLU D 23 30.68 -13.78 35.89
N ILE D 24 31.78 -13.35 35.30
CA ILE D 24 32.03 -11.92 35.08
C ILE D 24 31.14 -11.42 33.97
N LEU D 25 31.20 -12.08 32.82
CA LEU D 25 30.30 -11.74 31.72
C LEU D 25 28.84 -11.75 32.14
N ASP D 26 28.48 -12.63 33.08
CA ASP D 26 27.11 -12.68 33.51
C ASP D 26 26.76 -11.43 34.28
N ALA D 27 27.64 -10.96 35.15
CA ALA D 27 27.33 -9.77 35.96
C ALA D 27 27.35 -8.52 35.09
N SER D 28 28.30 -8.47 34.16
CA SER D 28 28.38 -7.40 33.18
C SER D 28 27.09 -7.21 32.36
N ALA D 29 26.64 -8.26 31.68
CA ALA D 29 25.37 -8.16 30.97
C ALA D 29 24.25 -7.51 31.81
N GLU D 30 24.02 -7.97 33.04
CA GLU D 30 23.00 -7.34 33.88
C GLU D 30 23.22 -5.83 34.03
N LEU D 31 24.47 -5.42 34.23
CA LEU D 31 24.78 -4.01 34.49
C LEU D 31 24.81 -3.27 33.18
N PHE D 32 25.69 -3.67 32.30
CA PHE D 32 25.74 -3.03 30.99
C PHE D 32 24.40 -2.87 30.30
N THR D 33 23.40 -3.70 30.56
CA THR D 33 22.14 -3.50 29.87
C THR D 33 21.11 -2.70 30.64
N HIS D 34 21.29 -2.53 31.94
CA HIS D 34 20.39 -1.65 32.72
C HIS D 34 20.94 -0.22 32.81
N GLN D 35 22.25 -0.05 32.61
CA GLN D 35 22.95 1.17 32.96
C GLN D 35 23.82 1.73 31.87
N GLY D 36 24.34 0.87 31.00
CA GLY D 36 25.18 1.32 29.90
C GLY D 36 26.63 1.23 30.32
N PHE D 37 27.53 1.22 29.33
CA PHE D 37 28.96 1.01 29.56
C PHE D 37 29.54 2.00 30.56
N ALA D 38 29.50 3.27 30.18
CA ALA D 38 30.18 4.32 30.94
C ALA D 38 29.71 4.45 32.40
N THR D 39 28.40 4.54 32.58
CA THR D 39 27.84 4.67 33.91
C THR D 39 28.22 3.57 34.90
N THR D 40 28.56 2.35 34.43
CA THR D 40 28.83 1.22 35.35
C THR D 40 30.32 1.03 35.62
N SER D 41 30.72 1.05 36.88
CA SER D 41 32.15 0.92 37.23
C SER D 41 32.58 -0.51 37.44
N THR D 42 33.87 -0.77 37.23
CA THR D 42 34.47 -2.06 37.52
C THR D 42 34.26 -2.45 38.97
N HIS D 43 34.17 -1.50 39.90
CA HIS D 43 33.76 -1.86 41.26
C HIS D 43 32.39 -2.49 41.37
N GLN D 44 31.42 -2.03 40.58
CA GLN D 44 30.06 -2.62 40.63
C GLN D 44 30.07 -4.00 40.05
N ILE D 45 30.81 -4.19 38.96
CA ILE D 45 30.99 -5.50 38.36
C ILE D 45 31.58 -6.42 39.41
N ALA D 46 32.72 -6.01 39.95
CA ALA D 46 33.43 -6.77 40.98
C ALA D 46 32.51 -7.06 42.14
N ASP D 47 31.91 -6.03 42.72
CA ASP D 47 30.97 -6.29 43.82
C ASP D 47 29.94 -7.35 43.45
N ALA D 48 29.45 -7.32 42.21
CA ALA D 48 28.37 -8.23 41.81
C ALA D 48 28.84 -9.66 41.68
N VAL D 49 30.07 -9.83 41.23
CA VAL D 49 30.68 -11.14 41.03
C VAL D 49 31.04 -11.78 42.34
N GLY D 50 31.49 -10.97 43.29
CA GLY D 50 31.96 -11.42 44.61
C GLY D 50 33.44 -11.15 44.86
N ILE D 51 34.08 -10.35 44.03
CA ILE D 51 35.53 -10.17 44.09
C ILE D 51 35.99 -8.72 44.17
N ARG D 52 37.29 -8.51 44.31
CA ARG D 52 37.87 -7.18 44.33
C ARG D 52 38.17 -6.75 42.91
N GLN D 53 38.03 -5.45 42.72
CA GLN D 53 38.11 -4.83 41.42
C GLN D 53 39.34 -5.26 40.60
N ALA D 54 40.49 -5.39 41.26
CA ALA D 54 41.72 -5.70 40.53
C ALA D 54 41.64 -7.06 39.84
N SER D 55 41.03 -8.02 40.52
CA SER D 55 40.96 -9.42 40.07
C SER D 55 40.46 -9.57 38.63
N LEU D 56 39.58 -8.66 38.22
CA LEU D 56 39.02 -8.65 36.86
C LEU D 56 40.07 -8.63 35.78
N TYR D 57 41.21 -8.04 36.11
CA TYR D 57 42.24 -7.82 35.10
C TYR D 57 43.05 -9.07 34.80
N TYR D 58 42.93 -10.06 35.67
CA TYR D 58 43.46 -11.38 35.41
C TYR D 58 42.75 -12.00 34.21
N HIS D 59 41.44 -11.81 34.13
CA HIS D 59 40.59 -12.42 33.12
C HIS D 59 40.44 -11.59 31.86
N PHE D 60 40.22 -10.30 32.06
CA PHE D 60 40.10 -9.36 30.95
C PHE D 60 41.19 -8.28 31.02
N PRO D 61 41.76 -7.90 29.87
CA PRO D 61 42.68 -6.76 29.79
C PRO D 61 42.07 -5.40 30.15
N SER D 62 40.80 -5.19 29.80
CA SER D 62 40.17 -3.89 29.98
C SER D 62 38.65 -4.01 30.11
N LYS D 63 38.04 -3.05 30.79
CA LYS D 63 36.58 -2.96 30.84
C LYS D 63 35.98 -2.89 29.45
N THR D 64 36.73 -2.33 28.50
CA THR D 64 36.33 -2.37 27.13
C THR D 64 36.15 -3.78 26.66
N GLU D 65 37.20 -4.59 26.87
CA GLU D 65 37.21 -5.93 26.30
C GLU D 65 36.06 -6.80 26.87
N ILE D 66 35.64 -6.51 28.10
CA ILE D 66 34.46 -7.18 28.65
C ILE D 66 33.24 -6.90 27.76
N PHE D 67 32.96 -5.62 27.55
CA PHE D 67 31.86 -5.15 26.72
C PHE D 67 31.95 -5.71 25.32
N LEU D 68 33.13 -5.60 24.74
CA LEU D 68 33.30 -6.02 23.37
C LEU D 68 33.05 -7.52 23.20
N THR D 69 33.36 -8.29 24.24
CA THR D 69 33.10 -9.73 24.24
C THR D 69 31.60 -9.99 24.21
N LEU D 70 30.90 -9.39 25.16
CA LEU D 70 29.44 -9.39 25.20
C LEU D 70 28.79 -8.90 23.86
N LEU D 71 29.42 -7.94 23.21
CA LEU D 71 28.90 -7.41 21.96
C LEU D 71 29.03 -8.49 20.91
N LYS D 72 30.25 -9.01 20.75
CA LYS D 72 30.50 -10.06 19.75
C LYS D 72 29.56 -11.24 19.83
N SER D 73 29.18 -11.61 21.04
CA SER D 73 28.27 -12.73 21.24
C SER D 73 26.84 -12.53 20.71
N THR D 74 26.39 -11.29 20.62
CA THR D 74 25.04 -11.02 20.09
C THR D 74 25.03 -10.80 18.59
N VAL D 75 26.11 -10.25 18.08
CA VAL D 75 26.18 -9.85 16.70
C VAL D 75 26.48 -11.02 15.79
N GLU D 76 27.55 -11.77 16.10
CA GLU D 76 28.02 -12.86 15.24
C GLU D 76 26.89 -13.83 14.87
N PRO D 77 26.17 -14.34 15.86
CA PRO D 77 25.07 -15.24 15.55
C PRO D 77 23.92 -14.60 14.78
N SER D 78 23.56 -13.37 15.16
CA SER D 78 22.45 -12.64 14.52
C SER D 78 22.70 -12.46 13.05
N THR D 79 23.96 -12.20 12.70
CA THR D 79 24.33 -11.83 11.36
C THR D 79 24.46 -13.06 10.52
N VAL D 80 25.20 -14.04 11.02
CA VAL D 80 25.36 -15.28 10.28
C VAL D 80 24.00 -15.91 10.02
N LEU D 81 23.06 -15.70 10.93
CA LEU D 81 21.70 -16.19 10.75
C LEU D 81 21.06 -15.64 9.48
N ALA D 82 21.03 -14.31 9.39
CA ALA D 82 20.37 -13.62 8.28
C ALA D 82 21.02 -13.94 6.95
N GLU D 83 22.35 -13.99 6.92
CA GLU D 83 23.04 -14.31 5.68
C GLU D 83 22.61 -15.68 5.13
N ASP D 84 22.52 -16.66 6.00
CA ASP D 84 22.18 -18.03 5.62
C ASP D 84 20.74 -18.10 5.13
N LEU D 85 19.84 -17.49 5.88
CA LEU D 85 18.41 -17.49 5.52
C LEU D 85 18.12 -16.78 4.21
N SER D 86 18.84 -15.70 3.95
CA SER D 86 18.68 -14.91 2.73
C SER D 86 19.02 -15.72 1.47
N ILE D 87 20.02 -16.58 1.59
CA ILE D 87 20.48 -17.42 0.47
C ILE D 87 19.42 -18.41 -0.05
N LEU D 88 18.58 -18.93 0.84
CA LEU D 88 17.55 -19.93 0.43
C LEU D 88 16.76 -19.35 -0.74
N ASP D 89 16.40 -20.26 -1.66
CA ASP D 89 15.72 -19.87 -2.96
C ASP D 89 14.22 -19.46 -2.77
N ALA D 90 13.69 -19.65 -1.54
CA ALA D 90 12.27 -19.40 -1.29
C ALA D 90 11.89 -17.92 -1.50
N GLY D 91 10.59 -17.69 -1.62
CA GLY D 91 10.05 -16.38 -1.91
C GLY D 91 10.44 -15.27 -0.95
N PRO D 92 10.48 -14.00 -1.45
CA PRO D 92 10.95 -12.97 -0.51
C PRO D 92 10.10 -12.80 0.74
N GLU D 93 8.80 -12.91 0.65
CA GLU D 93 7.95 -12.75 1.82
C GLU D 93 8.32 -13.85 2.80
N MET D 94 8.46 -15.09 2.32
CA MET D 94 8.83 -16.17 3.20
C MET D 94 10.21 -15.91 3.77
N ARG D 95 11.13 -15.51 2.92
CA ARG D 95 12.48 -15.23 3.39
C ARG D 95 12.51 -14.10 4.43
N LEU D 96 11.78 -13.03 4.17
CA LEU D 96 11.73 -11.91 5.10
C LEU D 96 11.05 -12.30 6.39
N TRP D 97 9.96 -13.03 6.29
CA TRP D 97 9.21 -13.48 7.48
C TRP D 97 10.09 -14.38 8.35
N ALA D 98 10.82 -15.28 7.69
CA ALA D 98 11.66 -16.20 8.40
C ALA D 98 12.75 -15.45 9.14
N ILE D 99 13.30 -14.43 8.50
CA ILE D 99 14.37 -13.67 9.13
C ILE D 99 13.88 -12.88 10.35
N VAL D 100 12.70 -12.29 10.26
CA VAL D 100 12.20 -11.48 11.35
C VAL D 100 11.94 -12.43 12.49
N ALA D 101 11.19 -13.47 12.20
CA ALA D 101 10.80 -14.45 13.22
C ALA D 101 12.03 -15.03 13.89
N SER D 102 13.01 -15.43 13.10
CA SER D 102 14.14 -16.11 13.66
C SER D 102 15.11 -15.15 14.39
N GLU D 103 15.01 -13.88 14.09
CA GLU D 103 15.91 -12.90 14.66
C GLU D 103 15.34 -12.43 15.98
N VAL D 104 14.02 -12.34 16.02
CA VAL D 104 13.30 -12.03 17.24
C VAL D 104 13.47 -13.18 18.20
N ARG D 105 13.45 -14.40 17.67
CA ARG D 105 13.64 -15.63 18.45
C ARG D 105 14.96 -15.58 19.20
N LEU D 106 16.01 -15.21 18.49
CA LEU D 106 17.31 -15.11 19.10
C LEU D 106 17.33 -14.09 20.23
N LEU D 107 16.71 -12.92 20.04
CA LEU D 107 16.72 -11.84 21.04
C LEU D 107 15.86 -12.16 22.25
N LEU D 108 14.98 -13.14 22.12
CA LEU D 108 14.25 -13.67 23.29
C LEU D 108 14.97 -14.84 24.01
N SER D 109 16.04 -15.36 23.42
CA SER D 109 16.61 -16.63 23.84
C SER D 109 17.61 -16.52 24.98
N THR D 110 17.93 -15.32 25.41
CA THR D 110 19.06 -15.12 26.33
C THR D 110 18.60 -14.58 27.69
N LYS D 111 19.39 -14.83 28.74
CA LYS D 111 18.90 -14.42 30.07
C LYS D 111 18.88 -12.91 30.27
N TRP D 112 19.93 -12.27 29.78
CA TRP D 112 19.99 -10.82 29.82
C TRP D 112 19.69 -10.20 28.46
N ASN D 113 19.11 -9.01 28.48
CA ASN D 113 18.68 -8.33 27.26
C ASN D 113 19.81 -7.68 26.45
N VAL D 114 20.71 -8.50 25.95
CA VAL D 114 21.87 -8.00 25.20
C VAL D 114 21.54 -7.29 23.88
N GLY D 115 20.27 -7.27 23.50
CA GLY D 115 19.82 -6.36 22.45
C GLY D 115 20.13 -4.88 22.76
N ARG D 116 19.89 -4.46 24.00
CA ARG D 116 20.19 -3.10 24.39
C ARG D 116 21.63 -2.69 24.09
N LEU D 117 22.56 -3.62 24.16
CA LEU D 117 23.97 -3.26 23.92
C LEU D 117 24.13 -2.68 22.52
N TYR D 118 23.49 -3.29 21.54
CA TYR D 118 23.53 -2.82 20.15
C TYR D 118 23.32 -1.32 20.12
N GLN D 119 22.21 -0.91 20.73
CA GLN D 119 21.69 0.44 20.66
C GLN D 119 22.25 1.30 21.81
N LEU D 120 23.57 1.39 21.90
CA LEU D 120 24.18 2.17 22.98
C LEU D 120 25.05 3.26 22.41
N PRO D 121 24.98 4.45 23.03
CA PRO D 121 25.71 5.59 22.49
C PRO D 121 27.19 5.27 22.41
N ILE D 122 27.67 4.64 23.46
CA ILE D 122 29.08 4.26 23.56
C ILE D 122 29.55 3.50 22.29
N VAL D 123 28.61 2.82 21.61
CA VAL D 123 28.94 2.03 20.42
C VAL D 123 29.35 2.90 19.23
N GLY D 124 29.03 4.19 19.26
CA GLY D 124 29.39 5.12 18.17
C GLY D 124 30.88 5.22 17.84
N SER D 125 31.73 5.03 18.85
CA SER D 125 33.19 5.13 18.71
C SER D 125 33.83 4.34 17.53
N GLU D 126 34.97 4.84 17.05
CA GLU D 126 35.77 4.15 16.02
C GLU D 126 36.62 2.99 16.58
N GLU D 127 36.60 2.79 17.90
CA GLU D 127 37.12 1.54 18.50
C GLU D 127 36.21 0.31 18.26
N PHE D 128 35.08 0.49 17.56
CA PHE D 128 34.12 -0.59 17.27
C PHE D 128 33.78 -0.70 15.77
N ALA D 129 34.78 -0.54 14.92
CA ALA D 129 34.60 -0.64 13.47
C ALA D 129 33.85 -1.91 13.07
N GLU D 130 34.42 -3.07 13.43
CA GLU D 130 33.87 -4.37 13.06
C GLU D 130 32.40 -4.51 13.48
N TYR D 131 32.05 -4.07 14.69
CA TYR D 131 30.65 -4.12 15.13
C TYR D 131 29.72 -3.38 14.14
N HIS D 132 30.06 -2.14 13.77
CA HIS D 132 29.20 -1.35 12.86
C HIS D 132 29.06 -1.98 11.49
N SER D 133 30.16 -2.54 11.00
CA SER D 133 30.15 -3.24 9.74
C SER D 133 29.14 -4.39 9.75
N GLN D 134 29.24 -5.25 10.75
CA GLN D 134 28.34 -6.41 10.91
C GLN D 134 26.90 -5.94 10.94
N ARG D 135 26.69 -4.81 11.59
CA ARG D 135 25.38 -4.24 11.86
C ARG D 135 24.74 -3.60 10.62
N GLU D 136 25.51 -2.77 9.92
CA GLU D 136 25.03 -2.14 8.70
C GLU D 136 24.66 -3.25 7.69
N ALA D 137 25.52 -4.26 7.62
CA ALA D 137 25.35 -5.39 6.70
C ALA D 137 24.09 -6.18 6.98
N LEU D 138 23.74 -6.27 8.26
CA LEU D 138 22.52 -6.92 8.70
C LEU D 138 21.35 -6.11 8.20
N THR D 139 21.38 -4.82 8.52
CA THR D 139 20.32 -3.92 8.15
C THR D 139 20.09 -3.92 6.65
N ASN D 140 21.17 -3.97 5.89
CA ASN D 140 21.07 -3.95 4.43
C ASN D 140 20.29 -5.14 3.94
N ILE D 141 20.53 -6.28 4.56
CA ILE D 141 19.90 -7.53 4.15
C ILE D 141 18.39 -7.42 4.28
N PHE D 142 17.93 -6.91 5.42
CA PHE D 142 16.51 -6.72 5.67
C PHE D 142 15.92 -5.78 4.62
N ARG D 143 16.61 -4.66 4.41
CA ARG D 143 16.19 -3.65 3.44
C ARG D 143 16.07 -4.22 2.04
N ASP D 144 17.03 -5.03 1.62
CA ASP D 144 17.00 -5.60 0.27
C ASP D 144 15.84 -6.55 0.12
N LEU D 145 15.60 -7.33 1.16
CA LEU D 145 14.43 -8.20 1.14
C LEU D 145 13.17 -7.41 0.97
N ALA D 146 13.01 -6.38 1.77
CA ALA D 146 11.81 -5.57 1.74
C ALA D 146 11.63 -4.90 0.40
N THR D 147 12.73 -4.40 -0.18
CA THR D 147 12.61 -3.76 -1.50
C THR D 147 12.24 -4.74 -2.59
N GLU D 148 12.47 -6.03 -2.39
CA GLU D 148 11.95 -7.01 -3.34
C GLU D 148 10.45 -7.12 -3.31
N ILE D 149 9.82 -6.69 -2.21
CA ILE D 149 8.37 -6.81 -2.03
C ILE D 149 7.67 -5.49 -2.37
N VAL D 150 8.29 -4.35 -2.03
CA VAL D 150 7.65 -3.05 -2.25
C VAL D 150 8.38 -2.13 -3.23
N GLY D 151 9.46 -2.63 -3.83
CA GLY D 151 10.30 -1.81 -4.69
C GLY D 151 11.00 -0.74 -3.89
N ASP D 152 11.54 0.24 -4.58
CA ASP D 152 12.20 1.37 -3.91
C ASP D 152 11.11 2.19 -3.28
N ASP D 153 11.07 2.19 -1.96
CA ASP D 153 9.97 2.73 -1.21
C ASP D 153 10.47 2.88 0.21
N PRO D 154 10.13 3.98 0.87
CA PRO D 154 10.63 4.20 2.25
C PRO D 154 10.23 3.12 3.29
N ARG D 155 9.12 2.41 3.06
CA ARG D 155 8.67 1.34 3.94
C ARG D 155 9.67 0.19 4.02
N ALA D 156 10.47 0.02 3.00
CA ALA D 156 11.49 -1.00 3.04
C ALA D 156 12.45 -0.87 4.20
N GLU D 157 12.41 0.25 4.93
CA GLU D 157 13.32 0.51 6.04
C GLU D 157 12.76 -0.05 7.35
N LEU D 158 11.49 -0.39 7.28
CA LEU D 158 10.66 -0.49 8.46
C LEU D 158 10.61 -1.84 9.18
N PRO D 159 10.73 -2.97 8.46
CA PRO D 159 10.79 -4.29 9.09
C PRO D 159 11.89 -4.43 10.12
N PHE D 160 13.10 -4.03 9.75
CA PHE D 160 14.17 -4.01 10.74
C PHE D 160 13.82 -3.33 12.09
N HIS D 161 13.20 -2.17 12.08
CA HIS D 161 12.91 -1.48 13.35
C HIS D 161 11.79 -2.17 14.09
N ILE D 162 10.93 -2.83 13.33
CA ILE D 162 9.89 -3.66 13.89
C ILE D 162 10.52 -4.88 14.58
N THR D 163 11.45 -5.57 13.93
CA THR D 163 12.01 -6.74 14.60
C THR D 163 12.75 -6.30 15.87
N MET D 164 13.50 -5.20 15.82
CA MET D 164 14.30 -4.77 16.97
C MET D 164 13.44 -4.18 18.09
N SER D 165 12.14 -3.98 17.86
CA SER D 165 11.27 -3.59 18.96
C SER D 165 11.36 -4.53 20.16
N VAL D 166 11.52 -5.84 19.96
CA VAL D 166 11.59 -6.76 21.11
C VAL D 166 12.42 -6.23 22.26
N ILE D 167 13.59 -5.64 21.95
CA ILE D 167 14.42 -5.05 22.99
C ILE D 167 13.57 -4.35 24.05
N GLU D 168 12.60 -3.54 23.63
CA GLU D 168 11.70 -2.84 24.57
C GLU D 168 10.75 -3.77 25.29
N MET D 169 10.28 -4.78 24.58
CA MET D 169 9.17 -5.60 25.06
C MET D 169 9.58 -6.64 26.10
N ARG D 170 10.66 -7.34 25.85
CA ARG D 170 11.02 -8.52 26.66
C ARG D 170 11.56 -8.12 28.04
N ARG D 171 11.72 -9.10 28.90
CA ARG D 171 12.14 -8.85 30.28
C ARG D 171 13.65 -8.79 30.41
N ASN D 172 14.16 -8.28 31.54
CA ASN D 172 15.61 -8.30 31.86
C ASN D 172 15.79 -8.55 33.34
N ASP D 173 15.79 -9.81 33.72
CA ASP D 173 15.92 -10.14 35.14
C ASP D 173 16.71 -11.39 35.37
N GLY D 174 17.31 -11.93 34.33
CA GLY D 174 18.07 -13.16 34.42
C GLY D 174 17.29 -14.37 34.04
N LYS D 175 15.96 -14.25 33.91
CA LYS D 175 15.15 -15.35 33.39
C LYS D 175 14.96 -15.20 31.89
N ILE D 176 15.30 -16.24 31.15
CA ILE D 176 15.07 -16.26 29.70
C ILE D 176 13.58 -16.17 29.37
N PRO D 177 13.20 -15.22 28.51
CA PRO D 177 11.79 -15.10 28.14
C PRO D 177 11.25 -16.28 27.33
N SER D 178 12.01 -16.71 26.31
CA SER D 178 11.57 -17.81 25.44
C SER D 178 12.74 -18.63 25.04
N PRO D 179 12.90 -19.80 25.66
CA PRO D 179 14.11 -20.59 25.43
C PRO D 179 14.05 -21.20 24.04
N LEU D 180 15.20 -21.30 23.37
CA LEU D 180 15.17 -21.79 22.01
C LEU D 180 14.72 -23.22 21.95
N SER D 181 13.81 -23.50 21.04
CA SER D 181 13.36 -24.81 20.75
C SER D 181 13.24 -24.90 19.24
N ALA D 182 13.57 -26.07 18.72
CA ALA D 182 13.36 -26.40 17.33
C ALA D 182 11.90 -26.72 17.05
N ASP D 183 11.13 -27.06 18.07
CA ASP D 183 9.76 -27.51 17.85
C ASP D 183 8.80 -26.34 17.70
N SER D 184 9.22 -25.12 18.05
CA SER D 184 8.29 -23.99 18.06
C SER D 184 8.92 -22.61 17.93
N LEU D 185 8.04 -21.63 17.66
CA LEU D 185 8.39 -20.19 17.64
C LEU D 185 7.58 -19.42 18.65
N PRO D 186 8.21 -18.45 19.33
CA PRO D 186 7.50 -17.61 20.32
C PRO D 186 6.43 -16.73 19.70
N GLU D 187 5.34 -16.54 20.44
CA GLU D 187 4.20 -15.76 19.99
C GLU D 187 4.62 -14.37 19.55
N THR D 188 5.57 -13.81 20.25
CA THR D 188 6.09 -12.48 19.93
C THR D 188 6.89 -12.48 18.62
N ALA D 189 7.71 -13.49 18.39
CA ALA D 189 8.36 -13.60 17.09
C ALA D 189 7.34 -13.58 15.96
N ILE D 190 6.22 -14.24 16.17
CA ILE D 190 5.25 -14.38 15.14
C ILE D 190 4.59 -13.02 14.93
N MET D 191 4.13 -12.43 16.03
CA MET D 191 3.54 -11.08 15.97
C MET D 191 4.37 -10.13 15.15
N LEU D 192 5.68 -10.16 15.35
CA LEU D 192 6.56 -9.24 14.66
C LEU D 192 6.80 -9.58 13.21
N ALA D 193 6.90 -10.86 12.88
CA ALA D 193 7.07 -11.22 11.47
C ALA D 193 5.79 -10.89 10.69
N ASP D 194 4.64 -11.11 11.32
CA ASP D 194 3.38 -10.76 10.70
C ASP D 194 3.28 -9.26 10.49
N ALA D 195 3.69 -8.51 11.50
CA ALA D 195 3.68 -7.06 11.43
C ALA D 195 4.54 -6.57 10.29
N SER D 196 5.73 -7.10 10.16
CA SER D 196 6.65 -6.64 9.14
C SER D 196 6.12 -6.85 7.75
N LEU D 197 5.35 -7.88 7.55
CA LEU D 197 4.76 -8.08 6.24
C LEU D 197 3.54 -7.20 6.03
N ALA D 198 2.77 -6.94 7.08
CA ALA D 198 1.61 -6.08 6.97
C ALA D 198 1.96 -4.65 6.53
N VAL D 199 2.99 -4.06 7.13
CA VAL D 199 3.38 -2.69 6.80
C VAL D 199 3.79 -2.57 5.35
N LEU D 200 4.30 -3.65 4.75
CA LEU D 200 4.61 -3.69 3.31
C LEU D 200 3.37 -4.08 2.49
N GLY D 201 2.26 -4.34 3.17
CA GLY D 201 1.00 -4.68 2.53
C GLY D 201 1.01 -5.97 1.74
N ALA D 202 1.53 -7.03 2.34
CA ALA D 202 1.70 -8.33 1.70
C ALA D 202 0.99 -9.39 2.51
N SER D 203 0.26 -10.30 1.84
CA SER D 203 -0.41 -11.39 2.56
C SER D 203 0.68 -12.31 3.11
N LEU D 204 0.36 -12.93 4.25
CA LEU D 204 1.30 -13.82 4.89
C LEU D 204 1.63 -15.01 3.98
N PRO D 205 2.91 -15.42 3.97
CA PRO D 205 3.19 -16.60 3.20
C PRO D 205 2.57 -17.87 3.82
N ALA D 206 2.49 -18.93 3.01
CA ALA D 206 1.89 -20.20 3.46
C ALA D 206 2.86 -21.01 4.31
N ASP D 207 2.35 -21.55 5.43
CA ASP D 207 3.11 -22.48 6.28
C ASP D 207 4.32 -21.81 6.88
N ARG D 208 4.13 -20.60 7.37
CA ARG D 208 5.30 -19.78 7.78
C ARG D 208 6.04 -20.33 8.98
N VAL D 209 5.29 -20.66 10.02
CA VAL D 209 5.89 -21.24 11.21
C VAL D 209 6.56 -22.56 10.85
N GLU D 210 5.78 -23.43 10.20
CA GLU D 210 6.27 -24.71 9.78
C GLU D 210 7.56 -24.56 8.95
N LYS D 211 7.55 -23.67 7.97
CA LYS D 211 8.68 -23.59 7.06
C LYS D 211 9.85 -22.85 7.67
N THR D 212 9.57 -21.95 8.59
CA THR D 212 10.64 -21.24 9.23
C THR D 212 11.46 -22.20 10.07
N LEU D 213 10.75 -23.10 10.77
CA LEU D 213 11.44 -24.09 11.61
C LEU D 213 12.28 -25.00 10.75
N GLU D 214 11.75 -25.40 9.59
CA GLU D 214 12.53 -26.18 8.64
C GLU D 214 13.83 -25.47 8.26
N LEU D 215 13.71 -24.19 7.90
CA LEU D 215 14.86 -23.40 7.48
C LEU D 215 15.84 -23.27 8.63
N ILE D 216 15.32 -23.17 9.84
CA ILE D 216 16.20 -23.13 11.01
C ILE D 216 16.90 -24.47 11.21
N LYS D 217 16.20 -25.60 11.02
CA LYS D 217 16.83 -26.95 11.17
C LYS D 217 17.92 -27.07 10.12
N GLN D 218 17.60 -26.72 8.88
CA GLN D 218 18.61 -26.74 7.80
C GLN D 218 19.81 -25.92 8.18
N ALA D 219 19.60 -24.63 8.41
CA ALA D 219 20.66 -23.71 8.75
C ALA D 219 21.56 -24.24 9.88
N ASP D 220 20.96 -24.78 10.93
CA ASP D 220 21.70 -25.28 12.08
C ASP D 220 22.72 -26.33 11.65
N ALA D 221 22.24 -27.31 10.87
CA ALA D 221 23.05 -28.43 10.41
C ALA D 221 24.37 -28.00 9.74
N LYS D 222 24.29 -26.98 8.88
CA LYS D 222 25.46 -26.46 8.14
C LYS D 222 26.66 -26.01 9.02
#